data_1K8G
#
_entry.id   1K8G
#
_cell.length_a   121.182
_cell.length_b   121.182
_cell.length_c   137.169
_cell.angle_alpha   90.00
_cell.angle_beta   90.00
_cell.angle_gamma   120.00
#
_symmetry.space_group_name_H-M   'P 32 2 1'
#
loop_
_entity.id
_entity.type
_entity.pdbx_description
1 polymer "5'-D(TP*TP*GP*GP*GP*G)-3'"
2 polymer 'Telomere-Binding Protein alpha Subunit'
3 non-polymer 'SULFATE ION'
4 water water
#
loop_
_entity_poly.entity_id
_entity_poly.type
_entity_poly.pdbx_seq_one_letter_code
_entity_poly.pdbx_strand_id
1 'polydeoxyribonucleotide' (DT)(DT)(DG)(DG)(DG)(DG) D,E
2 'polypeptide(L)'
;MSTAAKQNRSTSRVSKKKTAAPKEGAAKKSDKGHKYEYVELAKASLTSAQPQHFYAVVIDATFPYKTNQERYICSLKIVD
PTLYLKQQKGAGDASDYATLVLYAKRFEDLPIIHRAGDIIRVHRATLRLYNGQRQFNANVFYSSSWALFSTDKRSVTQEI
NNQDAVSDTTPFSFSSKHATIEKNEISILQNLRKWANQYFSSYSVISSDMYTALNKAQAQKGDFDVVAKILQVHELDEYT
NELKLKDASGQVFYTLSLKLKFPHVRTGEVVRIRSATYDETSTQKKVLILSHYSNIITFIQSSKLAKELRAKIQDDHSVE
;
A,B,C
#
# COMPACT_ATOMS: atom_id res chain seq x y z
N TYR C 36 19.93 -31.91 -13.01
CA TYR C 36 18.96 -32.20 -11.94
C TYR C 36 17.55 -31.78 -12.33
N GLU C 37 16.73 -31.61 -11.29
CA GLU C 37 15.36 -31.14 -11.41
C GLU C 37 15.32 -29.79 -10.69
N TYR C 38 15.17 -28.71 -11.45
CA TYR C 38 15.11 -27.38 -10.86
C TYR C 38 13.67 -26.92 -10.67
N VAL C 39 13.31 -26.66 -9.43
CA VAL C 39 11.97 -26.22 -9.08
C VAL C 39 11.84 -24.70 -9.14
N GLU C 40 10.69 -24.20 -9.59
CA GLU C 40 10.48 -22.75 -9.64
C GLU C 40 10.22 -22.32 -8.20
N LEU C 41 10.67 -21.13 -7.83
CA LEU C 41 10.53 -20.65 -6.46
C LEU C 41 9.17 -20.85 -5.77
N ALA C 42 8.07 -20.61 -6.48
CA ALA C 42 6.75 -20.76 -5.87
C ALA C 42 6.24 -22.20 -5.88
N LYS C 43 6.94 -23.06 -6.60
CA LYS C 43 6.52 -24.46 -6.70
C LYS C 43 7.30 -25.38 -5.75
N ALA C 44 8.31 -24.86 -5.08
CA ALA C 44 9.10 -25.68 -4.15
C ALA C 44 8.22 -26.17 -3.00
N SER C 45 8.58 -27.31 -2.44
CA SER C 45 7.80 -27.93 -1.36
C SER C 45 8.17 -27.52 0.06
N LEU C 46 7.13 -27.24 0.86
CA LEU C 46 7.26 -26.86 2.27
C LEU C 46 6.87 -28.12 3.00
N THR C 47 6.80 -29.21 2.25
CA THR C 47 6.37 -30.48 2.77
C THR C 47 7.43 -31.58 2.80
N SER C 48 8.08 -31.82 1.66
CA SER C 48 9.09 -32.89 1.56
C SER C 48 10.46 -32.53 2.14
N ALA C 49 10.93 -33.41 3.02
CA ALA C 49 12.19 -33.25 3.73
C ALA C 49 13.44 -33.25 2.84
N GLN C 50 13.26 -33.30 1.53
CA GLN C 50 14.42 -33.36 0.65
C GLN C 50 14.90 -32.06 0.06
N PRO C 51 16.23 -31.94 -0.12
CA PRO C 51 16.79 -30.72 -0.69
C PRO C 51 16.18 -30.50 -2.05
N GLN C 52 16.19 -29.26 -2.52
CA GLN C 52 15.66 -28.94 -3.83
C GLN C 52 16.66 -28.01 -4.52
N HIS C 53 16.53 -27.87 -5.85
CA HIS C 53 17.46 -27.03 -6.60
C HIS C 53 16.67 -25.99 -7.35
N PHE C 54 17.31 -24.91 -7.77
CA PHE C 54 16.57 -23.88 -8.49
C PHE C 54 17.48 -22.82 -9.11
N TYR C 55 16.89 -22.11 -10.08
CA TYR C 55 17.52 -21.00 -10.75
C TYR C 55 16.68 -19.82 -10.30
N ALA C 56 17.29 -18.70 -9.97
CA ALA C 56 16.51 -17.55 -9.55
C ALA C 56 17.29 -16.28 -9.86
N VAL C 57 16.61 -15.15 -9.92
CA VAL C 57 17.26 -13.86 -10.17
C VAL C 57 17.61 -13.26 -8.82
N VAL C 58 18.80 -12.67 -8.71
CA VAL C 58 19.23 -12.05 -7.45
C VAL C 58 18.88 -10.55 -7.52
N ILE C 59 18.06 -10.06 -6.59
CA ILE C 59 17.69 -8.63 -6.62
C ILE C 59 18.28 -7.83 -5.47
N ASP C 60 18.78 -8.53 -4.45
CA ASP C 60 19.38 -7.87 -3.28
C ASP C 60 20.25 -8.86 -2.54
N ALA C 61 21.36 -8.36 -1.98
CA ALA C 61 22.28 -9.19 -1.22
C ALA C 61 23.23 -8.45 -0.25
N THR C 62 23.57 -9.14 0.83
CA THR C 62 24.51 -8.64 1.83
C THR C 62 25.88 -9.05 1.33
N PHE C 63 26.95 -8.49 1.89
CA PHE C 63 28.28 -8.93 1.49
C PHE C 63 28.47 -10.19 2.32
N PRO C 64 29.40 -11.07 1.93
CA PRO C 64 29.51 -12.25 2.79
C PRO C 64 30.20 -11.75 4.06
N TYR C 65 29.72 -12.17 5.21
CA TYR C 65 30.31 -11.73 6.46
C TYR C 65 30.32 -12.89 7.41
N LYS C 66 31.03 -12.74 8.52
CA LYS C 66 31.10 -13.79 9.50
C LYS C 66 30.24 -13.38 10.71
N THR C 67 29.55 -14.35 11.28
CA THR C 67 28.70 -14.07 12.43
C THR C 67 29.46 -14.29 13.73
N TYR C 72 29.99 -18.14 8.66
CA TYR C 72 29.87 -17.27 7.48
C TYR C 72 28.48 -17.31 6.88
N ILE C 73 28.06 -16.17 6.39
CA ILE C 73 26.73 -16.07 5.84
C ILE C 73 26.61 -15.09 4.71
N CYS C 74 25.59 -15.31 3.90
CA CYS C 74 25.23 -14.39 2.83
C CYS C 74 23.72 -14.54 2.75
N SER C 75 23.04 -13.41 2.81
CA SER C 75 21.59 -13.38 2.75
C SER C 75 21.25 -12.70 1.44
N LEU C 76 20.36 -13.32 0.67
CA LEU C 76 19.93 -12.75 -0.60
C LEU C 76 18.42 -12.70 -0.71
N LYS C 77 17.96 -11.85 -1.62
CA LYS C 77 16.53 -11.73 -1.92
C LYS C 77 16.44 -12.18 -3.37
N ILE C 78 15.81 -13.33 -3.60
CA ILE C 78 15.69 -13.86 -4.96
C ILE C 78 14.26 -13.87 -5.51
N VAL C 79 14.15 -13.78 -6.83
CA VAL C 79 12.85 -13.80 -7.50
C VAL C 79 12.96 -14.56 -8.82
N ASP C 80 11.84 -15.14 -9.27
CA ASP C 80 11.79 -15.81 -10.56
C ASP C 80 10.40 -15.57 -11.17
N PRO C 81 10.15 -16.11 -12.38
CA PRO C 81 8.85 -15.90 -13.03
C PRO C 81 7.59 -16.20 -12.22
N THR C 82 7.62 -17.19 -11.36
CA THR C 82 6.45 -17.53 -10.55
C THR C 82 6.39 -16.77 -9.23
N LEU C 83 7.43 -15.97 -8.96
CA LEU C 83 7.49 -15.21 -7.72
C LEU C 83 8.18 -13.87 -7.89
N TYR C 84 7.39 -12.81 -7.91
CA TYR C 84 7.85 -11.45 -8.06
C TYR C 84 6.63 -10.59 -7.75
N LEU C 85 6.72 -9.28 -7.98
CA LEU C 85 5.61 -8.35 -7.71
C LEU C 85 4.60 -8.29 -8.85
N LYS C 86 3.45 -8.94 -8.68
CA LYS C 86 2.39 -8.93 -9.70
C LYS C 86 1.06 -8.55 -9.04
N GLN C 87 0.03 -8.26 -9.85
CA GLN C 87 -1.29 -7.88 -9.35
C GLN C 87 -1.61 -8.45 -7.98
N SER C 95 8.44 -5.33 -4.02
CA SER C 95 7.94 -6.51 -4.72
C SER C 95 7.84 -7.71 -3.78
N ASP C 96 7.32 -8.84 -4.27
CA ASP C 96 7.30 -10.03 -3.47
C ASP C 96 8.57 -10.77 -3.88
N TYR C 97 9.11 -11.62 -3.01
CA TYR C 97 10.35 -12.30 -3.33
C TYR C 97 10.59 -13.34 -2.29
N ALA C 98 11.49 -14.26 -2.58
CA ALA C 98 11.82 -15.29 -1.60
C ALA C 98 13.17 -14.92 -1.04
N THR C 99 13.49 -15.48 0.12
CA THR C 99 14.78 -15.19 0.73
C THR C 99 15.70 -16.40 0.65
N LEU C 100 17.00 -16.10 0.52
CA LEU C 100 18.03 -17.15 0.43
C LEU C 100 19.23 -16.89 1.34
N VAL C 101 19.42 -17.78 2.32
CA VAL C 101 20.54 -17.67 3.25
C VAL C 101 21.53 -18.78 2.93
N LEU C 102 22.79 -18.40 2.72
CA LEU C 102 23.86 -19.35 2.40
C LEU C 102 24.88 -19.45 3.53
N TYR C 103 25.09 -20.65 4.05
CA TYR C 103 26.06 -20.87 5.13
C TYR C 103 27.33 -21.54 4.64
N ALA C 104 28.46 -21.18 5.23
CA ALA C 104 29.75 -21.77 4.86
C ALA C 104 30.73 -21.61 6.01
N LYS C 105 31.88 -22.25 5.88
CA LYS C 105 32.87 -22.19 6.94
C LYS C 105 34.03 -21.29 6.57
N ARG C 106 33.92 -20.62 5.43
CA ARG C 106 34.97 -19.71 5.01
C ARG C 106 34.43 -18.69 4.01
N PHE C 107 34.85 -17.44 4.12
CA PHE C 107 34.41 -16.39 3.20
C PHE C 107 34.51 -16.77 1.73
N GLU C 108 35.58 -17.47 1.39
CA GLU C 108 35.83 -17.88 0.01
C GLU C 108 34.70 -18.70 -0.64
N ASP C 109 33.90 -19.36 0.18
CA ASP C 109 32.79 -20.20 -0.32
C ASP C 109 31.42 -19.52 -0.36
N LEU C 110 31.39 -18.20 -0.49
CA LEU C 110 30.13 -17.46 -0.53
C LEU C 110 30.12 -16.53 -1.72
N PRO C 111 28.94 -16.25 -2.28
CA PRO C 111 28.82 -15.36 -3.43
C PRO C 111 28.95 -13.89 -3.08
N ILE C 112 29.59 -13.14 -3.97
CA ILE C 112 29.73 -11.72 -3.79
C ILE C 112 28.87 -11.08 -4.87
N ILE C 113 27.68 -10.63 -4.51
CA ILE C 113 26.83 -10.01 -5.48
C ILE C 113 27.07 -8.52 -5.58
N HIS C 114 27.49 -8.06 -6.75
CA HIS C 114 27.76 -6.66 -7.02
C HIS C 114 26.62 -6.04 -7.85
N ARG C 115 25.79 -6.89 -8.43
CA ARG C 115 24.74 -6.37 -9.28
C ARG C 115 23.39 -7.07 -9.21
N ALA C 116 22.33 -6.28 -9.07
CA ALA C 116 20.98 -6.85 -9.02
C ALA C 116 20.61 -7.20 -10.45
N GLY C 117 20.08 -8.41 -10.64
CA GLY C 117 19.72 -8.82 -11.98
C GLY C 117 20.46 -10.07 -12.43
N ASP C 118 21.67 -10.30 -11.93
CA ASP C 118 22.38 -11.51 -12.34
C ASP C 118 21.59 -12.69 -11.81
N ILE C 119 21.91 -13.88 -12.32
CA ILE C 119 21.20 -15.10 -11.94
C ILE C 119 22.04 -15.99 -11.06
N ILE C 120 21.37 -16.83 -10.29
CA ILE C 120 22.05 -17.74 -9.41
C ILE C 120 21.31 -19.07 -9.47
N ARG C 121 22.01 -20.15 -9.18
CA ARG C 121 21.38 -21.45 -9.14
C ARG C 121 22.05 -22.20 -8.02
N VAL C 122 21.25 -22.73 -7.09
CA VAL C 122 21.82 -23.40 -5.96
C VAL C 122 21.36 -24.85 -5.95
N HIS C 123 22.20 -25.73 -5.39
CA HIS C 123 21.88 -27.14 -5.33
C HIS C 123 21.72 -27.50 -3.87
N ARG C 124 21.14 -28.67 -3.63
CA ARG C 124 20.91 -29.17 -2.27
C ARG C 124 20.38 -28.08 -1.33
N ALA C 125 19.36 -27.35 -1.78
CA ALA C 125 18.77 -26.31 -0.96
C ALA C 125 17.62 -26.86 -0.13
N THR C 126 17.48 -26.34 1.09
CA THR C 126 16.37 -26.76 1.93
C THR C 126 15.45 -25.55 1.98
N LEU C 127 14.15 -25.80 1.95
CA LEU C 127 13.17 -24.72 1.98
C LEU C 127 12.45 -24.71 3.30
N ARG C 128 12.37 -23.53 3.86
CA ARG C 128 11.72 -23.34 5.14
C ARG C 128 10.85 -22.11 4.94
N LEU C 129 9.94 -21.90 5.88
CA LEU C 129 9.08 -20.76 5.78
C LEU C 129 9.45 -19.86 6.96
N TYR C 130 10.17 -18.76 6.70
CA TYR C 130 10.59 -17.88 7.78
C TYR C 130 9.87 -16.55 7.78
N ASN C 131 8.89 -16.43 8.66
CA ASN C 131 8.09 -15.22 8.80
C ASN C 131 7.33 -14.78 7.55
N GLY C 132 6.55 -15.71 6.98
CA GLY C 132 5.72 -15.39 5.82
C GLY C 132 6.37 -15.62 4.46
N GLN C 133 7.61 -15.20 4.28
CA GLN C 133 8.26 -15.39 3.00
C GLN C 133 8.77 -16.80 2.84
N ARG C 134 9.17 -17.13 1.62
CA ARG C 134 9.75 -18.42 1.35
C ARG C 134 11.25 -18.24 1.51
N GLN C 135 11.79 -18.87 2.55
CA GLN C 135 13.21 -18.79 2.84
C GLN C 135 13.96 -20.07 2.52
N PHE C 136 14.77 -20.02 1.46
CA PHE C 136 15.58 -21.18 1.09
C PHE C 136 16.94 -21.13 1.78
N ASN C 137 17.39 -22.29 2.28
CA ASN C 137 18.68 -22.37 2.96
C ASN C 137 19.64 -23.32 2.26
N ALA C 138 20.92 -22.98 2.29
CA ALA C 138 21.92 -23.81 1.66
C ALA C 138 23.23 -23.80 2.41
N ASN C 139 23.63 -24.98 2.91
CA ASN C 139 24.89 -25.16 3.61
C ASN C 139 25.97 -25.45 2.58
N VAL C 140 26.79 -24.47 2.24
CA VAL C 140 27.85 -24.70 1.30
C VAL C 140 28.93 -25.61 1.88
N PHE C 141 29.14 -25.56 3.19
CA PHE C 141 30.17 -26.37 3.81
C PHE C 141 29.82 -27.86 3.80
N TYR C 142 28.52 -28.19 3.79
CA TYR C 142 28.08 -29.57 3.71
C TYR C 142 27.91 -29.89 2.21
N SER C 143 26.69 -30.18 1.79
CA SER C 143 26.41 -30.58 0.41
C SER C 143 26.08 -29.50 -0.63
N SER C 144 25.40 -28.43 -0.22
CA SER C 144 25.00 -27.38 -1.16
C SER C 144 26.11 -26.64 -1.90
N SER C 145 25.75 -26.10 -3.06
CA SER C 145 26.69 -25.34 -3.89
C SER C 145 25.93 -24.21 -4.61
N TRP C 146 26.64 -23.26 -5.19
CA TRP C 146 25.99 -22.16 -5.87
C TRP C 146 26.82 -21.74 -7.06
N ALA C 147 26.16 -21.15 -8.05
CA ALA C 147 26.83 -20.70 -9.25
C ALA C 147 26.15 -19.43 -9.68
N LEU C 148 26.93 -18.43 -10.06
CA LEU C 148 26.38 -17.18 -10.52
C LEU C 148 26.50 -17.12 -12.02
N PHE C 149 25.50 -16.56 -12.68
CA PHE C 149 25.50 -16.43 -14.13
C PHE C 149 25.17 -14.98 -14.47
N SER C 150 25.98 -14.38 -15.32
CA SER C 150 25.77 -13.01 -15.70
C SER C 150 24.55 -12.89 -16.62
N THR C 151 23.69 -11.92 -16.33
CA THR C 151 22.51 -11.70 -17.15
C THR C 151 22.84 -10.77 -18.30
N ASP C 152 23.78 -9.86 -18.07
CA ASP C 152 24.22 -8.94 -19.10
C ASP C 152 25.36 -9.63 -19.82
N LYS C 153 25.75 -9.12 -20.99
CA LYS C 153 26.83 -9.75 -21.73
C LYS C 153 28.06 -9.95 -20.85
N ARG C 154 28.32 -8.97 -20.00
CA ARG C 154 29.48 -9.04 -19.12
C ARG C 154 29.18 -9.10 -17.63
N SER C 155 30.05 -9.79 -16.90
CA SER C 155 29.96 -9.94 -15.47
C SER C 155 30.49 -8.61 -14.93
N VAL C 156 30.09 -8.22 -13.72
CA VAL C 156 30.58 -6.95 -13.20
C VAL C 156 32.11 -6.98 -13.19
N THR C 157 32.65 -7.97 -12.50
CA THR C 157 34.07 -8.13 -12.44
C THR C 157 34.66 -8.02 -13.85
N GLN C 158 34.00 -8.65 -14.81
CA GLN C 158 34.46 -8.63 -16.19
C GLN C 158 34.44 -7.27 -16.89
N GLU C 159 33.31 -6.57 -16.87
CA GLU C 159 33.27 -5.27 -17.54
C GLU C 159 34.23 -4.28 -16.91
N ILE C 160 34.74 -4.60 -15.72
CA ILE C 160 35.69 -3.73 -15.05
C ILE C 160 37.07 -3.96 -15.67
N ASN C 161 37.32 -5.21 -16.07
CA ASN C 161 38.60 -5.61 -16.66
C ASN C 161 38.59 -5.77 -18.18
N ASN C 162 37.48 -5.45 -18.83
CA ASN C 162 37.38 -5.58 -20.28
C ASN C 162 37.73 -6.97 -20.80
N GLN C 163 37.06 -7.99 -20.28
CA GLN C 163 37.31 -9.35 -20.73
C GLN C 163 36.02 -9.89 -21.32
N ASP C 164 36.13 -10.92 -22.17
CA ASP C 164 34.95 -11.51 -22.77
C ASP C 164 34.62 -12.80 -22.05
N ALA C 165 33.33 -13.12 -21.97
CA ALA C 165 32.90 -14.34 -21.28
C ALA C 165 33.33 -15.63 -22.02
N VAL C 166 33.72 -16.65 -21.25
CA VAL C 166 34.15 -17.94 -21.79
C VAL C 166 33.12 -18.48 -22.80
N SER C 167 32.14 -19.20 -22.30
CA SER C 167 30.99 -19.73 -23.02
C SER C 167 29.87 -19.21 -22.19
N ASP C 168 28.92 -18.52 -22.74
CA ASP C 168 27.92 -17.96 -21.81
C ASP C 168 26.80 -18.91 -21.44
N THR C 169 27.27 -19.94 -20.77
CA THR C 169 26.60 -21.06 -20.19
C THR C 169 27.58 -21.36 -19.08
N THR C 170 28.60 -20.48 -19.06
CA THR C 170 29.68 -20.56 -18.08
C THR C 170 29.54 -19.53 -16.97
N PRO C 171 29.44 -20.00 -15.72
CA PRO C 171 29.29 -19.17 -14.52
C PRO C 171 30.53 -18.30 -14.35
N PHE C 172 30.33 -17.04 -13.95
CA PHE C 172 31.46 -16.14 -13.75
C PHE C 172 32.00 -16.29 -12.32
N SER C 173 31.43 -17.23 -11.58
CA SER C 173 31.83 -17.49 -10.20
C SER C 173 30.93 -18.59 -9.68
N PHE C 174 31.51 -19.57 -8.99
CA PHE C 174 30.75 -20.69 -8.43
C PHE C 174 31.49 -21.19 -7.20
N SER C 175 30.78 -21.87 -6.30
CA SER C 175 31.38 -22.38 -5.08
C SER C 175 31.97 -23.75 -5.31
N SER C 176 31.36 -24.46 -6.25
CA SER C 176 31.76 -25.80 -6.62
C SER C 176 33.27 -25.99 -6.71
N LYS C 177 33.63 -27.25 -6.94
CA LYS C 177 35.00 -27.68 -7.09
C LYS C 177 35.32 -27.65 -8.58
N HIS C 178 34.61 -26.76 -9.29
CA HIS C 178 34.75 -26.53 -10.71
C HIS C 178 33.53 -27.09 -11.42
N ALA C 179 32.42 -26.43 -11.09
CA ALA C 179 31.05 -26.69 -11.55
C ALA C 179 30.77 -26.49 -13.02
N THR C 180 29.88 -27.33 -13.53
CA THR C 180 29.46 -27.29 -14.93
C THR C 180 27.95 -27.52 -14.99
N ILE C 181 27.41 -27.51 -16.20
CA ILE C 181 25.99 -27.73 -16.40
C ILE C 181 25.63 -28.56 -17.63
N GLU C 182 24.55 -29.29 -17.41
CA GLU C 182 23.98 -30.15 -18.39
C GLU C 182 23.05 -29.35 -19.33
N LYS C 183 22.70 -29.92 -20.49
CA LYS C 183 21.86 -29.22 -21.48
C LYS C 183 20.43 -28.87 -21.06
N ASN C 184 19.78 -29.80 -20.36
CA ASN C 184 18.41 -29.58 -19.88
C ASN C 184 18.28 -28.16 -19.32
N GLU C 185 19.42 -27.59 -18.94
CA GLU C 185 19.47 -26.26 -18.32
C GLU C 185 19.53 -25.10 -19.29
N ILE C 186 20.55 -25.08 -20.15
CA ILE C 186 20.72 -23.98 -21.10
C ILE C 186 19.42 -23.24 -21.30
N SER C 187 18.38 -24.00 -21.60
CA SER C 187 17.05 -23.47 -21.83
C SER C 187 16.61 -22.62 -20.64
N ILE C 188 16.52 -23.26 -19.48
CA ILE C 188 16.13 -22.57 -18.25
C ILE C 188 16.89 -21.28 -18.02
N LEU C 189 18.22 -21.34 -18.12
CA LEU C 189 19.08 -20.16 -17.94
C LEU C 189 18.79 -19.08 -18.97
N GLN C 190 18.46 -19.49 -20.19
CA GLN C 190 18.17 -18.54 -21.25
C GLN C 190 16.80 -17.91 -21.06
N ASN C 191 15.89 -18.66 -20.47
CA ASN C 191 14.54 -18.17 -20.23
C ASN C 191 14.55 -17.17 -19.07
N LEU C 192 15.22 -17.53 -17.98
CA LEU C 192 15.33 -16.65 -16.81
C LEU C 192 15.98 -15.31 -17.19
N ARG C 193 16.98 -15.36 -18.06
CA ARG C 193 17.67 -14.14 -18.50
C ARG C 193 16.74 -13.21 -19.26
N LYS C 194 15.93 -13.79 -20.13
CA LYS C 194 14.99 -13.03 -20.95
C LYS C 194 13.94 -12.41 -20.04
N TRP C 195 13.41 -13.22 -19.13
CA TRP C 195 12.41 -12.72 -18.21
C TRP C 195 13.02 -11.61 -17.37
N ALA C 196 14.22 -11.87 -16.85
CA ALA C 196 14.95 -10.94 -16.01
C ALA C 196 14.92 -9.54 -16.61
N ASN C 197 15.30 -9.43 -17.87
CA ASN C 197 15.29 -8.12 -18.52
C ASN C 197 13.88 -7.58 -18.75
N GLN C 198 12.89 -8.46 -18.90
CA GLN C 198 11.51 -8.00 -19.11
C GLN C 198 11.01 -7.46 -17.77
N TYR C 199 11.44 -8.13 -16.70
CA TYR C 199 11.08 -7.74 -15.35
C TYR C 199 11.73 -6.39 -14.98
N PHE C 200 13.07 -6.37 -14.94
CA PHE C 200 13.83 -5.15 -14.57
C PHE C 200 13.52 -3.97 -15.47
N SER C 201 13.12 -4.27 -16.69
CA SER C 201 12.78 -3.28 -17.71
C SER C 201 11.43 -2.57 -17.52
N SER C 202 10.49 -3.25 -16.89
CA SER C 202 9.16 -2.68 -16.69
C SER C 202 8.79 -2.39 -15.23
N TYR C 203 9.50 -3.00 -14.29
CA TYR C 203 9.25 -2.77 -12.87
C TYR C 203 10.48 -2.13 -12.24
N SER C 204 10.31 -1.57 -11.05
CA SER C 204 11.41 -0.95 -10.33
C SER C 204 12.31 -2.02 -9.70
N VAL C 205 11.70 -3.16 -9.40
CA VAL C 205 12.35 -4.29 -8.77
C VAL C 205 12.61 -3.92 -7.34
N ILE C 206 13.48 -2.94 -7.11
CA ILE C 206 13.70 -2.53 -5.74
C ILE C 206 12.54 -1.60 -5.46
N SER C 207 11.54 -2.19 -4.83
CA SER C 207 10.30 -1.52 -4.48
C SER C 207 10.50 -0.25 -3.65
N SER C 208 9.66 0.74 -3.91
CA SER C 208 9.71 2.01 -3.20
C SER C 208 9.79 1.84 -1.68
N ASP C 209 9.43 0.68 -1.17
CA ASP C 209 9.47 0.43 0.26
C ASP C 209 10.58 -0.53 0.71
N MET C 210 11.62 -0.65 -0.09
CA MET C 210 12.75 -1.50 0.28
C MET C 210 13.95 -0.66 0.72
N TYR C 211 13.84 0.64 0.49
CA TYR C 211 14.88 1.58 0.90
C TYR C 211 14.25 2.81 1.58
N THR C 212 15.09 3.68 2.14
CA THR C 212 14.64 4.87 2.85
C THR C 212 15.13 6.13 2.16
N ALA C 213 14.24 7.06 1.84
CA ALA C 213 14.71 8.27 1.19
C ALA C 213 15.73 8.93 2.11
N LEU C 214 16.75 9.57 1.53
CA LEU C 214 17.78 10.22 2.32
C LEU C 214 17.25 11.35 3.20
N ASN C 215 16.21 12.04 2.74
CA ASN C 215 15.63 13.12 3.52
C ASN C 215 15.01 12.59 4.81
N LYS C 216 15.03 11.28 5.00
CA LYS C 216 14.52 10.64 6.21
C LYS C 216 15.61 9.83 6.90
N ALA C 217 16.84 10.00 6.43
CA ALA C 217 17.98 9.27 6.98
C ALA C 217 18.30 9.70 8.41
N GLN C 218 18.36 11.00 8.67
CA GLN C 218 18.71 11.47 10.00
C GLN C 218 17.73 11.09 11.10
N ALA C 219 16.49 10.83 10.74
CA ALA C 219 15.50 10.47 11.76
C ALA C 219 15.47 8.97 11.96
N GLN C 220 16.38 8.27 11.32
CA GLN C 220 16.41 6.83 11.48
C GLN C 220 17.17 6.39 12.73
N LYS C 221 16.67 5.34 13.35
CA LYS C 221 17.31 4.78 14.53
C LYS C 221 17.80 3.45 14.04
N GLY C 222 19.11 3.35 13.87
CA GLY C 222 19.67 2.10 13.40
C GLY C 222 19.87 2.03 11.90
N ASP C 223 19.82 0.79 11.45
CA ASP C 223 20.03 0.31 10.09
C ASP C 223 18.95 0.55 9.00
N PHE C 224 19.37 0.90 7.78
CA PHE C 224 18.44 1.08 6.64
C PHE C 224 19.14 1.02 5.27
N ASP C 225 18.36 0.83 4.20
CA ASP C 225 18.91 0.77 2.84
C ASP C 225 18.66 2.05 2.03
N VAL C 226 19.49 2.26 1.02
CA VAL C 226 19.38 3.45 0.18
C VAL C 226 19.38 3.10 -1.32
N VAL C 227 19.04 4.08 -2.16
CA VAL C 227 19.06 3.92 -3.59
C VAL C 227 19.37 5.31 -4.11
N ALA C 228 20.60 5.49 -4.60
CA ALA C 228 21.01 6.78 -5.08
C ALA C 228 21.94 6.70 -6.28
N LYS C 229 22.25 7.88 -6.81
CA LYS C 229 23.14 8.04 -7.92
C LYS C 229 24.47 8.53 -7.37
N ILE C 230 25.56 7.89 -7.78
CA ILE C 230 26.85 8.34 -7.32
C ILE C 230 27.20 9.57 -8.16
N LEU C 231 27.32 10.72 -7.51
CA LEU C 231 27.65 11.95 -8.20
C LEU C 231 29.16 12.12 -8.31
N GLN C 232 29.89 11.39 -7.49
CA GLN C 232 31.32 11.52 -7.52
C GLN C 232 31.97 10.43 -6.69
N VAL C 233 33.14 10.01 -7.15
CA VAL C 233 33.93 9.00 -6.46
C VAL C 233 35.27 9.69 -6.27
N HIS C 234 35.70 9.79 -5.02
CA HIS C 234 36.96 10.44 -4.70
C HIS C 234 37.87 9.50 -3.94
N GLU C 235 39.14 9.49 -4.34
CA GLU C 235 40.14 8.65 -3.71
C GLU C 235 40.67 9.43 -2.53
N LEU C 236 40.37 8.97 -1.32
CA LEU C 236 40.86 9.65 -0.13
C LEU C 236 42.27 9.19 0.18
N ASP C 237 42.51 7.92 -0.11
CA ASP C 237 43.80 7.32 0.17
C ASP C 237 43.98 6.00 -0.55
N GLU C 238 44.99 5.26 -0.14
CA GLU C 238 45.33 3.99 -0.74
C GLU C 238 44.24 2.92 -0.71
N TYR C 239 43.39 2.92 0.32
CA TYR C 239 42.38 1.86 0.42
C TYR C 239 40.92 2.21 0.25
N THR C 240 40.54 3.46 0.46
CA THR C 240 39.14 3.80 0.38
C THR C 240 38.76 5.01 -0.44
N ASN C 241 37.52 5.01 -0.93
CA ASN C 241 36.98 6.11 -1.71
C ASN C 241 35.94 6.81 -0.85
N GLU C 242 35.52 7.97 -1.34
CA GLU C 242 34.44 8.72 -0.72
C GLU C 242 33.36 8.88 -1.80
N LEU C 243 32.20 8.29 -1.57
CA LEU C 243 31.12 8.41 -2.53
C LEU C 243 30.21 9.60 -2.20
N LYS C 244 29.92 10.41 -3.21
CA LYS C 244 29.03 11.53 -3.02
C LYS C 244 27.69 11.04 -3.58
N LEU C 245 26.73 10.81 -2.69
CA LEU C 245 25.42 10.31 -3.08
C LEU C 245 24.26 11.31 -3.18
N LYS C 246 23.31 11.01 -4.05
CA LYS C 246 22.14 11.85 -4.21
C LYS C 246 20.98 11.01 -4.70
N ASP C 247 19.97 10.84 -3.86
CA ASP C 247 18.78 10.06 -4.21
C ASP C 247 17.66 10.98 -4.72
N ALA C 248 16.52 10.38 -5.03
CA ALA C 248 15.35 11.11 -5.55
C ALA C 248 14.81 12.22 -4.64
N SER C 249 15.08 12.10 -3.34
CA SER C 249 14.62 13.10 -2.39
C SER C 249 15.38 14.41 -2.61
N GLY C 250 16.45 14.34 -3.38
CA GLY C 250 17.26 15.52 -3.67
C GLY C 250 18.38 15.79 -2.68
N GLN C 251 18.46 14.97 -1.64
CA GLN C 251 19.48 15.07 -0.60
C GLN C 251 20.87 14.59 -1.02
N VAL C 252 21.90 15.17 -0.41
CA VAL C 252 23.27 14.79 -0.69
C VAL C 252 23.89 14.14 0.54
N PHE C 253 24.43 12.95 0.34
CA PHE C 253 25.08 12.22 1.41
C PHE C 253 26.41 11.70 0.93
N TYR C 254 27.24 11.32 1.89
CA TYR C 254 28.54 10.78 1.61
C TYR C 254 28.75 9.49 2.41
N THR C 255 29.53 8.58 1.84
CA THR C 255 29.85 7.34 2.52
C THR C 255 31.25 6.91 2.07
N LEU C 256 31.93 6.16 2.94
CA LEU C 256 33.26 5.69 2.65
C LEU C 256 33.19 4.28 2.17
N SER C 257 33.71 4.03 0.97
CA SER C 257 33.69 2.65 0.50
C SER C 257 35.08 2.18 0.22
N LEU C 258 35.38 1.00 0.73
CA LEU C 258 36.68 0.38 0.52
C LEU C 258 36.86 0.13 -0.99
N LYS C 259 37.98 0.59 -1.56
CA LYS C 259 38.22 0.40 -2.98
C LYS C 259 38.03 -1.04 -3.51
N LEU C 260 38.39 -2.03 -2.71
CA LEU C 260 38.28 -3.42 -3.13
C LEU C 260 36.99 -4.16 -2.79
N LYS C 261 36.32 -3.81 -1.70
CA LYS C 261 35.08 -4.50 -1.38
C LYS C 261 34.11 -4.18 -2.53
N PHE C 262 34.19 -2.95 -3.03
CA PHE C 262 33.31 -2.49 -4.09
C PHE C 262 34.04 -1.73 -5.18
N PRO C 263 34.74 -2.46 -6.08
CA PRO C 263 35.50 -1.87 -7.19
C PRO C 263 34.61 -1.38 -8.33
N HIS C 264 33.35 -1.81 -8.35
CA HIS C 264 32.43 -1.42 -9.43
C HIS C 264 31.90 -0.01 -9.29
N VAL C 265 32.02 0.56 -8.10
CA VAL C 265 31.56 1.92 -7.87
C VAL C 265 32.04 2.83 -9.02
N ARG C 266 31.15 3.68 -9.54
CA ARG C 266 31.51 4.55 -10.67
C ARG C 266 30.70 5.85 -10.67
N THR C 267 31.32 6.94 -11.11
CA THR C 267 30.63 8.23 -11.15
C THR C 267 29.52 8.21 -12.20
N GLY C 268 28.34 8.69 -11.80
CA GLY C 268 27.21 8.73 -12.72
C GLY C 268 26.32 7.50 -12.67
N GLU C 269 26.67 6.51 -11.87
CA GLU C 269 25.88 5.28 -11.76
C GLU C 269 24.94 5.27 -10.55
N VAL C 270 23.93 4.38 -10.62
CA VAL C 270 22.94 4.24 -9.58
C VAL C 270 23.19 2.97 -8.82
N VAL C 271 23.21 3.05 -7.50
CA VAL C 271 23.45 1.85 -6.71
C VAL C 271 22.41 1.73 -5.61
N ARG C 272 22.28 0.53 -5.07
CA ARG C 272 21.42 0.30 -3.94
C ARG C 272 22.40 -0.04 -2.82
N ILE C 273 22.33 0.69 -1.73
CA ILE C 273 23.20 0.42 -0.62
C ILE C 273 22.42 -0.34 0.44
N ARG C 274 22.77 -1.59 0.64
CA ARG C 274 22.14 -2.43 1.65
C ARG C 274 22.81 -2.23 3.01
N SER C 275 22.01 -1.79 3.97
CA SER C 275 22.44 -1.57 5.36
C SER C 275 23.41 -0.43 5.71
N ALA C 276 22.91 0.79 5.72
CA ALA C 276 23.71 1.95 6.08
C ALA C 276 23.17 2.45 7.42
N THR C 277 23.78 3.48 7.99
CA THR C 277 23.36 4.06 9.27
C THR C 277 23.67 5.55 9.19
N TYR C 278 22.90 6.38 9.86
CA TYR C 278 23.19 7.80 9.79
C TYR C 278 24.27 8.12 10.83
N ASP C 279 25.28 8.87 10.40
CA ASP C 279 26.40 9.28 11.26
C ASP C 279 25.93 10.42 12.17
N GLU C 280 25.47 10.05 13.36
CA GLU C 280 24.99 11.02 14.35
C GLU C 280 26.01 12.10 14.66
N THR C 281 27.27 11.81 14.44
CA THR C 281 28.34 12.77 14.74
C THR C 281 28.68 13.71 13.57
N SER C 282 27.89 13.68 12.50
CA SER C 282 28.19 14.49 11.32
C SER C 282 27.90 15.98 11.51
N THR C 283 28.77 16.81 10.94
CA THR C 283 28.75 18.27 11.09
C THR C 283 28.39 18.97 9.79
N GLN C 284 29.40 19.37 9.01
CA GLN C 284 29.15 20.01 7.72
C GLN C 284 28.61 19.02 6.69
N LYS C 285 29.12 17.79 6.69
CA LYS C 285 28.68 16.79 5.74
C LYS C 285 27.73 15.78 6.36
N LYS C 286 26.83 15.27 5.54
CA LYS C 286 25.91 14.25 5.99
C LYS C 286 26.50 12.95 5.52
N VAL C 287 26.81 12.07 6.47
CA VAL C 287 27.45 10.83 6.14
C VAL C 287 26.68 9.58 6.53
N LEU C 288 26.73 8.58 5.64
CA LEU C 288 26.11 7.29 5.92
C LEU C 288 27.31 6.41 6.26
N ILE C 289 27.11 5.43 7.12
CA ILE C 289 28.17 4.53 7.54
C ILE C 289 27.92 3.07 7.16
N LEU C 290 28.88 2.45 6.48
CA LEU C 290 28.71 1.07 6.07
C LEU C 290 29.34 0.15 7.08
N SER C 291 28.79 -1.05 7.19
CA SER C 291 29.24 -2.08 8.11
C SER C 291 29.91 -3.21 7.29
N HIS C 292 30.36 -4.28 7.94
CA HIS C 292 31.02 -5.34 7.20
C HIS C 292 30.08 -6.12 6.27
N TYR C 293 28.82 -6.26 6.69
CA TYR C 293 27.83 -6.96 5.88
C TYR C 293 27.17 -6.02 4.90
N SER C 294 27.51 -4.74 4.96
CA SER C 294 26.93 -3.76 4.04
C SER C 294 27.31 -4.12 2.62
N ASN C 295 26.54 -3.64 1.64
CA ASN C 295 26.83 -3.97 0.24
C ASN C 295 26.39 -2.87 -0.72
N ILE C 296 27.19 -2.63 -1.76
CA ILE C 296 26.86 -1.64 -2.77
C ILE C 296 26.49 -2.44 -4.02
N ILE C 297 25.26 -2.27 -4.49
CA ILE C 297 24.77 -3.02 -5.62
C ILE C 297 24.32 -2.19 -6.79
N THR C 298 24.80 -2.58 -7.97
CA THR C 298 24.43 -1.91 -9.20
C THR C 298 23.31 -2.73 -9.87
N PHE C 299 22.78 -2.22 -10.98
CA PHE C 299 21.69 -2.91 -11.69
C PHE C 299 22.03 -3.25 -13.13
N ILE C 300 21.53 -4.39 -13.61
CA ILE C 300 21.78 -4.79 -15.00
C ILE C 300 21.24 -3.68 -15.90
N GLN C 301 21.80 -3.57 -17.10
CA GLN C 301 21.42 -2.53 -18.07
C GLN C 301 19.92 -2.36 -18.39
N SER C 302 19.11 -3.38 -18.19
CA SER C 302 17.69 -3.20 -18.50
C SER C 302 16.90 -2.46 -17.39
N SER C 303 17.48 -2.34 -16.20
CA SER C 303 16.83 -1.71 -15.06
C SER C 303 16.15 -0.38 -15.31
N LYS C 304 14.84 -0.36 -15.08
CA LYS C 304 14.04 0.85 -15.27
C LYS C 304 14.39 1.86 -14.17
N LEU C 305 14.51 1.36 -12.94
CA LEU C 305 14.84 2.19 -11.78
C LEU C 305 16.17 2.89 -11.94
N ALA C 306 17.18 2.13 -12.34
CA ALA C 306 18.51 2.67 -12.55
C ALA C 306 18.54 3.68 -13.68
N LYS C 307 17.86 3.36 -14.77
CA LYS C 307 17.82 4.26 -15.91
C LYS C 307 17.14 5.57 -15.58
N GLU C 308 16.02 5.47 -14.87
CA GLU C 308 15.28 6.67 -14.50
C GLU C 308 16.07 7.57 -13.56
N LEU C 309 16.66 6.98 -12.52
CA LEU C 309 17.45 7.78 -11.58
C LEU C 309 18.68 8.44 -12.22
N ARG C 310 19.27 7.80 -13.21
CA ARG C 310 20.41 8.43 -13.87
C ARG C 310 19.92 9.66 -14.58
N ALA C 311 18.69 9.57 -15.07
CA ALA C 311 18.09 10.69 -15.79
C ALA C 311 17.54 11.79 -14.87
N LYS C 312 16.75 11.40 -13.87
CA LYS C 312 16.16 12.35 -12.91
C LYS C 312 17.13 13.11 -12.04
N ILE C 313 18.12 12.43 -11.47
CA ILE C 313 19.12 13.01 -10.56
C ILE C 313 20.38 13.58 -11.23
N GLN C 314 20.80 14.76 -10.81
CA GLN C 314 21.99 15.42 -11.37
C GLN C 314 22.65 16.35 -10.34
N ASP C 315 23.84 16.86 -10.69
CA ASP C 315 24.59 17.77 -9.83
C ASP C 315 23.92 19.14 -9.90
N TYR D 36 12.58 5.21 38.59
CA TYR D 36 11.80 4.80 37.42
C TYR D 36 12.65 4.23 36.29
N GLU D 37 12.15 3.13 35.70
CA GLU D 37 12.79 2.44 34.61
C GLU D 37 11.94 2.61 33.33
N TYR D 38 12.42 3.40 32.36
CA TYR D 38 11.66 3.59 31.11
C TYR D 38 12.13 2.69 29.99
N VAL D 39 11.17 2.01 29.34
CA VAL D 39 11.45 1.12 28.24
C VAL D 39 11.10 1.82 26.91
N GLU D 40 11.61 1.28 25.81
CA GLU D 40 11.31 1.81 24.48
C GLU D 40 10.12 1.00 24.00
N LEU D 41 9.18 1.68 23.33
CA LEU D 41 7.94 1.04 22.87
C LEU D 41 8.08 -0.34 22.27
N ALA D 42 9.21 -0.62 21.63
CA ALA D 42 9.39 -1.92 21.01
C ALA D 42 10.12 -2.93 21.90
N LYS D 43 10.75 -2.46 22.99
CA LYS D 43 11.50 -3.34 23.90
C LYS D 43 10.69 -3.82 25.13
N ALA D 44 9.48 -3.29 25.30
CA ALA D 44 8.64 -3.67 26.44
C ALA D 44 8.27 -5.14 26.33
N SER D 45 8.03 -5.78 27.48
CA SER D 45 7.71 -7.20 27.52
C SER D 45 6.24 -7.55 27.46
N LEU D 46 5.94 -8.54 26.62
CA LEU D 46 4.59 -9.07 26.47
C LEU D 46 4.57 -10.36 27.28
N THR D 47 5.67 -10.58 28.00
CA THR D 47 5.86 -11.80 28.78
C THR D 47 5.62 -11.57 30.25
N SER D 48 6.33 -10.62 30.86
CA SER D 48 6.14 -10.32 32.28
C SER D 48 5.03 -9.27 32.42
N ALA D 49 3.83 -9.73 32.79
CA ALA D 49 2.65 -8.86 32.94
C ALA D 49 2.92 -7.54 33.66
N GLN D 50 4.08 -7.44 34.32
CA GLN D 50 4.47 -6.29 35.14
C GLN D 50 4.35 -4.86 34.55
N PRO D 51 3.95 -3.92 35.42
CA PRO D 51 3.75 -2.51 35.10
C PRO D 51 5.03 -1.87 34.55
N GLN D 52 4.99 -1.40 33.30
CA GLN D 52 6.17 -0.75 32.71
C GLN D 52 5.98 0.75 32.58
N HIS D 53 7.07 1.48 32.41
CA HIS D 53 7.02 2.92 32.25
C HIS D 53 7.64 3.24 30.90
N PHE D 54 7.38 4.44 30.36
CA PHE D 54 7.93 4.79 29.07
C PHE D 54 7.65 6.24 28.75
N TYR D 55 8.26 6.71 27.66
CA TYR D 55 8.06 8.07 27.18
C TYR D 55 7.68 7.85 25.72
N ALA D 56 6.75 8.64 25.20
CA ALA D 56 6.35 8.47 23.81
C ALA D 56 5.91 9.77 23.18
N VAL D 57 5.80 9.76 21.86
CA VAL D 57 5.35 10.92 21.10
C VAL D 57 3.91 10.61 20.71
N VAL D 58 2.98 11.52 21.05
CA VAL D 58 1.57 11.31 20.71
C VAL D 58 1.35 11.81 19.29
N ILE D 59 0.84 10.94 18.43
CA ILE D 59 0.59 11.36 17.07
C ILE D 59 -0.90 11.44 16.77
N ASP D 60 -1.72 10.90 17.66
CA ASP D 60 -3.17 10.94 17.46
C ASP D 60 -3.90 10.57 18.74
N ALA D 61 -5.08 11.15 18.95
CA ALA D 61 -5.85 10.85 20.16
C ALA D 61 -7.32 11.27 20.11
N THR D 62 -8.13 10.56 20.89
CA THR D 62 -9.54 10.87 21.04
C THR D 62 -9.57 11.83 22.22
N PHE D 63 -10.66 12.59 22.35
CA PHE D 63 -10.78 13.50 23.48
C PHE D 63 -11.09 12.58 24.65
N PRO D 64 -10.76 12.99 25.88
CA PRO D 64 -11.13 12.03 26.94
C PRO D 64 -12.67 12.04 26.89
N TYR D 65 -13.29 10.87 27.01
CA TYR D 65 -14.74 10.80 26.92
C TYR D 65 -15.36 9.74 27.82
N LYS D 66 -16.64 9.96 28.14
CA LYS D 66 -17.40 9.04 28.99
C LYS D 66 -17.76 7.72 28.32
N THR D 67 -17.99 6.70 29.13
CA THR D 67 -18.39 5.41 28.65
C THR D 67 -19.64 5.05 29.39
N ASN D 68 -19.50 4.87 30.70
CA ASN D 68 -20.63 4.65 31.57
C ASN D 68 -20.53 5.64 32.73
N GLN D 69 -21.22 5.37 33.82
CA GLN D 69 -21.39 6.35 34.92
C GLN D 69 -20.19 6.82 35.77
N GLU D 70 -18.97 6.33 35.61
CA GLU D 70 -17.87 6.84 36.42
C GLU D 70 -16.60 6.29 35.82
N ARG D 71 -16.63 6.15 34.49
CA ARG D 71 -15.53 5.60 33.73
C ARG D 71 -15.25 6.39 32.47
N TYR D 72 -14.00 6.78 32.29
CA TYR D 72 -13.61 7.50 31.09
C TYR D 72 -12.52 6.73 30.36
N ILE D 73 -12.32 7.06 29.10
CA ILE D 73 -11.33 6.41 28.29
C ILE D 73 -10.69 7.49 27.47
N CYS D 74 -9.53 7.19 26.91
CA CYS D 74 -8.82 8.12 26.06
C CYS D 74 -7.85 7.24 25.29
N SER D 75 -8.09 7.11 23.98
CA SER D 75 -7.23 6.29 23.15
C SER D 75 -6.26 7.13 22.36
N LEU D 76 -4.99 6.73 22.40
CA LEU D 76 -3.94 7.43 21.66
C LEU D 76 -3.13 6.51 20.76
N LYS D 77 -2.43 7.12 19.83
CA LYS D 77 -1.53 6.44 18.93
C LYS D 77 -0.18 7.06 19.22
N ILE D 78 0.70 6.26 19.79
CA ILE D 78 2.04 6.68 20.19
C ILE D 78 3.15 6.07 19.33
N VAL D 79 4.26 6.78 19.25
CA VAL D 79 5.43 6.31 18.52
C VAL D 79 6.68 6.75 19.27
N ASP D 80 7.82 6.20 18.88
CA ASP D 80 9.09 6.57 19.51
C ASP D 80 10.21 6.11 18.58
N PRO D 81 11.47 6.37 18.95
CA PRO D 81 12.58 5.97 18.09
C PRO D 81 12.66 4.50 17.65
N THR D 82 11.98 3.61 18.35
CA THR D 82 12.02 2.20 17.99
C THR D 82 10.72 1.72 17.36
N LEU D 83 9.75 2.61 17.25
CA LEU D 83 8.44 2.23 16.68
C LEU D 83 7.78 3.41 15.98
N TYR D 84 7.92 3.42 14.66
CA TYR D 84 7.38 4.44 13.77
C TYR D 84 7.25 3.78 12.41
N LEU D 85 7.10 4.56 11.35
CA LEU D 85 6.99 3.97 10.01
C LEU D 85 8.39 3.74 9.40
N LYS D 86 8.77 2.47 9.27
CA LYS D 86 10.07 2.07 8.70
C LYS D 86 9.95 1.41 7.31
N GLN D 87 11.07 0.93 6.80
CA GLN D 87 11.09 0.32 5.48
C GLN D 87 11.00 -1.17 5.72
N GLN D 88 10.45 -1.90 4.76
CA GLN D 88 10.26 -3.36 4.84
C GLN D 88 9.33 -3.90 5.94
N SER D 95 2.18 -1.85 11.41
CA SER D 95 2.77 -1.67 12.73
C SER D 95 3.57 -0.37 12.81
N ASP D 96 3.03 0.68 12.23
CA ASP D 96 3.69 1.96 12.20
C ASP D 96 3.60 2.77 13.51
N TYR D 97 2.84 2.27 14.47
CA TYR D 97 2.68 2.97 15.74
C TYR D 97 2.12 2.05 16.79
N ALA D 98 2.12 2.53 18.03
CA ALA D 98 1.59 1.76 19.15
C ALA D 98 0.31 2.46 19.62
N THR D 99 -0.51 1.69 20.33
CA THR D 99 -1.78 2.18 20.86
C THR D 99 -1.67 2.30 22.37
N LEU D 100 -2.28 3.35 22.93
CA LEU D 100 -2.28 3.56 24.37
C LEU D 100 -3.69 3.92 24.86
N VAL D 101 -4.28 3.03 25.65
CA VAL D 101 -5.63 3.26 26.20
C VAL D 101 -5.59 3.64 27.69
N LEU D 102 -5.96 4.89 27.98
CA LEU D 102 -5.98 5.37 29.35
C LEU D 102 -7.40 5.32 29.96
N TYR D 103 -7.53 4.63 31.08
CA TYR D 103 -8.80 4.51 31.77
C TYR D 103 -8.84 5.39 33.02
N ALA D 104 -10.03 5.74 33.49
CA ALA D 104 -10.16 6.57 34.69
C ALA D 104 -11.60 6.67 35.16
N LYS D 105 -11.80 7.28 36.32
CA LYS D 105 -13.16 7.45 36.85
C LYS D 105 -13.64 8.87 36.71
N ARG D 106 -12.72 9.82 36.71
CA ARG D 106 -13.07 11.22 36.58
C ARG D 106 -12.49 11.81 35.30
N PHE D 107 -13.36 12.39 34.48
CA PHE D 107 -12.97 13.00 33.21
C PHE D 107 -11.70 13.83 33.34
N GLU D 108 -11.56 14.50 34.47
CA GLU D 108 -10.39 15.33 34.72
C GLU D 108 -9.07 14.54 34.78
N ASP D 109 -9.16 13.25 35.08
CA ASP D 109 -7.98 12.40 35.19
C ASP D 109 -7.36 11.89 33.88
N LEU D 110 -7.86 12.35 32.75
CA LEU D 110 -7.33 11.91 31.47
C LEU D 110 -6.62 13.05 30.76
N PRO D 111 -5.69 12.72 29.86
CA PRO D 111 -4.97 13.77 29.13
C PRO D 111 -5.82 14.30 27.98
N ILE D 112 -5.64 15.57 27.68
CA ILE D 112 -6.34 16.19 26.59
C ILE D 112 -5.25 16.58 25.60
N ILE D 113 -5.16 15.84 24.50
CA ILE D 113 -4.16 16.13 23.50
C ILE D 113 -4.72 17.05 22.44
N HIS D 114 -4.13 18.23 22.30
CA HIS D 114 -4.54 19.23 21.33
C HIS D 114 -3.60 19.25 20.14
N ARG D 115 -2.37 18.81 20.33
CA ARG D 115 -1.38 18.86 19.27
C ARG D 115 -0.64 17.55 19.06
N ALA D 116 -0.57 17.10 17.81
CA ALA D 116 0.15 15.86 17.52
C ALA D 116 1.61 16.25 17.50
N GLY D 117 2.43 15.44 18.18
CA GLY D 117 3.84 15.72 18.23
C GLY D 117 4.35 16.01 19.63
N ASP D 118 3.45 16.22 20.60
CA ASP D 118 3.90 16.47 21.96
C ASP D 118 4.30 15.12 22.54
N ILE D 119 4.91 15.16 23.72
CA ILE D 119 5.38 13.95 24.38
C ILE D 119 4.60 13.59 25.62
N ILE D 120 4.47 12.29 25.87
CA ILE D 120 3.74 11.81 27.03
C ILE D 120 4.57 10.75 27.74
N ARG D 121 4.49 10.71 29.07
CA ARG D 121 5.21 9.69 29.83
C ARG D 121 4.23 9.12 30.84
N VAL D 122 4.04 7.80 30.78
CA VAL D 122 3.11 7.13 31.67
C VAL D 122 3.84 6.20 32.64
N HIS D 123 3.26 6.04 33.83
CA HIS D 123 3.85 5.16 34.84
C HIS D 123 2.92 4.00 35.08
N ARG D 124 3.49 2.87 35.50
CA ARG D 124 2.71 1.67 35.75
C ARG D 124 1.77 1.37 34.61
N ALA D 125 2.33 1.17 33.42
CA ALA D 125 1.52 0.85 32.26
C ALA D 125 1.63 -0.62 31.94
N THR D 126 0.50 -1.26 31.69
CA THR D 126 0.47 -2.68 31.36
C THR D 126 0.50 -2.81 29.84
N LEU D 127 1.24 -3.79 29.36
CA LEU D 127 1.31 -3.99 27.92
C LEU D 127 0.60 -5.28 27.53
N ARG D 128 -0.09 -5.21 26.40
CA ARG D 128 -0.83 -6.32 25.86
C ARG D 128 -0.76 -6.12 24.36
N LEU D 129 -1.16 -7.12 23.60
CA LEU D 129 -1.11 -6.99 22.15
C LEU D 129 -2.53 -7.00 21.58
N TYR D 130 -3.02 -5.84 21.13
CA TYR D 130 -4.37 -5.80 20.56
C TYR D 130 -4.35 -5.81 19.03
N ASN D 131 -4.87 -6.91 18.51
CA ASN D 131 -4.96 -7.23 17.09
C ASN D 131 -3.68 -6.95 16.30
N GLY D 132 -2.54 -7.31 16.91
CA GLY D 132 -1.26 -7.14 16.24
C GLY D 132 -0.45 -5.96 16.74
N GLN D 133 -1.12 -4.87 17.08
CA GLN D 133 -0.43 -3.70 17.56
C GLN D 133 -0.03 -3.88 18.99
N ARG D 134 0.96 -3.12 19.42
CA ARG D 134 1.37 -3.17 20.81
C ARG D 134 0.47 -2.17 21.54
N GLN D 135 -0.46 -2.68 22.33
CA GLN D 135 -1.40 -1.82 23.05
C GLN D 135 -1.08 -1.61 24.51
N PHE D 136 -0.60 -0.42 24.84
CA PHE D 136 -0.29 -0.13 26.22
C PHE D 136 -1.54 0.36 26.95
N ASN D 137 -1.83 -0.26 28.09
CA ASN D 137 -2.98 0.09 28.92
C ASN D 137 -2.51 0.73 30.21
N ALA D 138 -3.27 1.70 30.70
CA ALA D 138 -2.92 2.39 31.94
C ALA D 138 -4.19 2.85 32.68
N ASN D 139 -4.40 2.30 33.87
CA ASN D 139 -5.57 2.69 34.66
C ASN D 139 -5.16 3.74 35.71
N VAL D 140 -5.45 5.00 35.39
CA VAL D 140 -5.12 6.10 36.27
C VAL D 140 -5.93 6.07 37.55
N PHE D 141 -6.95 5.21 37.61
CA PHE D 141 -7.76 5.16 38.81
C PHE D 141 -6.93 4.81 40.04
N TYR D 142 -6.42 3.59 40.07
CA TYR D 142 -5.67 3.18 41.24
C TYR D 142 -4.18 2.93 41.09
N SER D 143 -3.54 3.23 39.95
CA SER D 143 -2.10 2.94 39.94
C SER D 143 -1.22 3.59 38.88
N SER D 144 -1.77 3.88 37.71
CA SER D 144 -0.96 4.50 36.67
C SER D 144 -1.03 6.01 36.71
N SER D 145 -0.05 6.66 36.08
CA SER D 145 -0.02 8.13 36.01
C SER D 145 0.41 8.53 34.60
N TRP D 146 0.26 9.81 34.26
CA TRP D 146 0.68 10.29 32.94
C TRP D 146 1.07 11.75 33.05
N ALA D 147 1.93 12.19 32.14
CA ALA D 147 2.36 13.57 32.13
C ALA D 147 2.61 13.93 30.69
N LEU D 148 2.36 15.19 30.33
CA LEU D 148 2.59 15.62 28.98
C LEU D 148 3.70 16.64 28.95
N PHE D 149 4.65 16.44 28.03
CA PHE D 149 5.76 17.36 27.87
C PHE D 149 5.62 17.93 26.47
N SER D 150 5.55 19.24 26.37
CA SER D 150 5.41 19.86 25.07
C SER D 150 6.68 19.78 24.22
N THR D 151 6.55 19.33 22.99
CA THR D 151 7.69 19.24 22.12
C THR D 151 8.17 20.64 21.75
N ASP D 152 7.24 21.54 21.45
CA ASP D 152 7.62 22.90 21.07
C ASP D 152 7.94 23.76 22.28
N LYS D 153 8.55 24.90 21.99
CA LYS D 153 8.95 25.90 22.97
C LYS D 153 7.80 26.23 23.94
N ARG D 154 6.59 26.40 23.44
CA ARG D 154 5.43 26.68 24.29
C ARG D 154 4.33 25.65 24.08
N SER D 155 3.63 25.34 25.15
CA SER D 155 2.51 24.39 25.12
C SER D 155 1.36 25.02 24.32
N VAL D 156 0.43 24.18 23.85
CA VAL D 156 -0.71 24.71 23.09
C VAL D 156 -1.50 25.66 23.98
N THR D 157 -2.00 25.13 25.10
CA THR D 157 -2.76 25.94 26.04
C THR D 157 -1.95 27.18 26.44
N GLN D 158 -0.65 27.14 26.23
CA GLN D 158 0.20 28.27 26.56
C GLN D 158 0.31 29.29 25.45
N GLU D 159 0.49 28.84 24.21
CA GLU D 159 0.59 29.81 23.12
C GLU D 159 -0.74 30.50 22.88
N ILE D 160 -1.83 29.89 23.33
CA ILE D 160 -3.14 30.54 23.14
C ILE D 160 -3.48 31.58 24.24
N ASN D 161 -3.02 31.34 25.47
CA ASN D 161 -3.27 32.28 26.56
C ASN D 161 -2.07 33.18 26.84
N ASN D 162 -0.97 32.98 26.10
CA ASN D 162 0.26 33.79 26.19
C ASN D 162 1.17 33.64 27.43
N GLN D 163 1.25 32.46 28.03
CA GLN D 163 2.15 32.29 29.17
C GLN D 163 3.43 31.59 28.68
N ASP D 164 4.61 32.13 29.01
CA ASP D 164 5.81 31.45 28.55
C ASP D 164 5.92 30.13 29.28
N ALA D 165 6.45 29.15 28.56
CA ALA D 165 6.61 27.82 29.07
C ALA D 165 7.51 27.71 30.29
N VAL D 166 6.94 27.08 31.30
CA VAL D 166 7.56 26.78 32.56
C VAL D 166 9.06 26.42 32.46
N SER D 167 9.32 25.40 31.66
CA SER D 167 10.65 24.89 31.44
C SER D 167 10.62 23.99 30.23
N ASP D 168 11.81 23.52 29.92
CA ASP D 168 11.99 22.57 28.87
C ASP D 168 11.99 21.23 29.60
N THR D 169 11.53 21.23 30.86
CA THR D 169 11.52 19.99 31.65
C THR D 169 10.39 19.87 32.68
N THR D 170 9.32 20.66 32.55
CA THR D 170 8.19 20.55 33.47
C THR D 170 6.93 20.25 32.66
N PRO D 171 6.15 19.26 33.08
CA PRO D 171 4.92 18.89 32.38
C PRO D 171 4.02 20.12 32.29
N PHE D 172 3.28 20.27 31.19
CA PHE D 172 2.38 21.40 31.10
C PHE D 172 1.03 20.92 31.63
N SER D 173 0.95 19.62 31.90
CA SER D 173 -0.27 19.01 32.43
C SER D 173 0.14 17.63 32.90
N PHE D 174 -0.53 17.12 33.93
CA PHE D 174 -0.21 15.80 34.46
C PHE D 174 -1.29 15.28 35.39
N SER D 175 -1.43 13.97 35.46
CA SER D 175 -2.46 13.35 36.30
C SER D 175 -2.24 13.40 37.81
N SER D 176 -1.05 12.98 38.26
CA SER D 176 -0.73 12.98 39.68
C SER D 176 -0.78 14.40 40.26
N LYS D 177 -0.95 14.49 41.59
CA LYS D 177 -1.00 15.79 42.26
C LYS D 177 0.27 16.55 41.86
N HIS D 178 1.43 15.92 42.04
CA HIS D 178 2.69 16.54 41.66
C HIS D 178 3.59 15.57 40.89
N ALA D 179 4.14 16.06 39.77
CA ALA D 179 4.99 15.28 38.89
C ALA D 179 6.47 15.43 39.24
N THR D 180 7.05 14.37 39.80
CA THR D 180 8.44 14.39 40.18
C THR D 180 9.34 14.06 38.99
N ILE D 181 10.10 15.08 38.56
CA ILE D 181 11.02 14.99 37.43
C ILE D 181 12.44 14.62 37.92
N GLU D 182 13.04 13.57 37.36
CA GLU D 182 14.38 13.18 37.78
C GLU D 182 15.52 13.59 36.84
N LYS D 183 16.75 13.23 37.21
CA LYS D 183 17.94 13.60 36.43
C LYS D 183 18.25 12.73 35.21
N ASN D 184 17.92 11.44 35.29
CA ASN D 184 18.19 10.54 34.17
C ASN D 184 17.19 10.69 33.02
N GLU D 185 16.11 11.43 33.26
CA GLU D 185 15.10 11.65 32.25
C GLU D 185 15.42 12.80 31.33
N ILE D 186 15.82 13.92 31.93
CA ILE D 186 16.14 15.12 31.19
C ILE D 186 16.76 14.79 29.83
N SER D 187 17.55 13.71 29.79
CA SER D 187 18.18 13.27 28.55
C SER D 187 17.19 12.52 27.66
N ILE D 188 16.42 11.59 28.23
CA ILE D 188 15.43 10.81 27.49
C ILE D 188 14.41 11.73 26.83
N LEU D 189 14.00 12.75 27.57
CA LEU D 189 13.05 13.76 27.13
C LEU D 189 13.71 14.68 26.13
N GLN D 190 14.98 14.98 26.34
CA GLN D 190 15.71 15.87 25.45
C GLN D 190 15.85 15.21 24.08
N ASN D 191 15.98 13.89 24.08
CA ASN D 191 16.14 13.15 22.83
C ASN D 191 14.82 12.93 22.13
N LEU D 192 13.81 12.56 22.91
CA LEU D 192 12.51 12.32 22.34
C LEU D 192 12.09 13.57 21.59
N ARG D 193 12.33 14.75 22.18
CA ARG D 193 11.99 16.00 21.53
C ARG D 193 12.74 16.16 20.23
N LYS D 194 14.03 15.83 20.26
CA LYS D 194 14.87 15.95 19.09
C LYS D 194 14.45 14.98 17.99
N TRP D 195 14.17 13.74 18.37
CA TRP D 195 13.75 12.74 17.40
C TRP D 195 12.38 13.08 16.82
N ALA D 196 11.48 13.53 17.70
CA ALA D 196 10.12 13.89 17.31
C ALA D 196 10.17 14.91 16.18
N ASN D 197 11.01 15.91 16.35
CA ASN D 197 11.14 16.93 15.32
C ASN D 197 11.72 16.36 14.04
N GLN D 198 12.71 15.47 14.14
CA GLN D 198 13.30 14.88 12.93
C GLN D 198 12.20 14.12 12.18
N TYR D 199 11.49 13.29 12.92
CA TYR D 199 10.41 12.48 12.38
C TYR D 199 9.34 13.34 11.67
N PHE D 200 8.61 14.16 12.43
CA PHE D 200 7.59 15.04 11.87
C PHE D 200 8.10 15.98 10.75
N SER D 201 9.40 16.23 10.72
CA SER D 201 10.00 17.10 9.71
C SER D 201 10.22 16.39 8.38
N SER D 202 10.45 15.08 8.46
CA SER D 202 10.71 14.28 7.27
C SER D 202 9.58 13.32 6.92
N TYR D 203 8.67 13.08 7.86
CA TYR D 203 7.52 12.21 7.59
C TYR D 203 6.21 12.96 7.73
N SER D 204 5.19 12.53 7.00
CA SER D 204 3.86 13.11 7.08
C SER D 204 3.35 12.83 8.48
N VAL D 205 3.66 11.62 8.95
CA VAL D 205 3.30 11.12 10.27
C VAL D 205 1.86 10.68 10.23
N ILE D 206 0.99 11.55 9.75
CA ILE D 206 -0.39 11.15 9.61
C ILE D 206 -0.47 10.61 8.20
N SER D 207 -0.35 9.28 8.11
CA SER D 207 -0.38 8.55 6.85
C SER D 207 -1.67 8.74 6.07
N SER D 208 -1.51 8.80 4.76
CA SER D 208 -2.62 8.93 3.83
C SER D 208 -3.81 8.01 4.18
N ASP D 209 -3.51 6.87 4.82
CA ASP D 209 -4.54 5.90 5.20
C ASP D 209 -5.08 6.08 6.61
N MET D 210 -4.85 7.24 7.22
CA MET D 210 -5.32 7.49 8.57
C MET D 210 -6.41 8.56 8.52
N TYR D 211 -6.76 8.96 7.31
CA TYR D 211 -7.80 9.96 7.14
C TYR D 211 -8.39 9.81 5.74
N THR D 212 -9.65 10.22 5.59
CA THR D 212 -10.35 10.13 4.32
C THR D 212 -10.42 11.52 3.71
N ALA D 213 -10.11 11.64 2.42
CA ALA D 213 -10.17 12.93 1.75
C ALA D 213 -11.65 13.36 1.69
N LEU D 214 -11.89 14.66 1.80
CA LEU D 214 -13.25 15.19 1.81
C LEU D 214 -14.15 14.84 0.62
N ASN D 215 -13.61 14.91 -0.60
CA ASN D 215 -14.38 14.59 -1.80
C ASN D 215 -15.00 13.19 -1.71
N LYS D 216 -14.52 12.37 -0.79
CA LYS D 216 -15.04 11.03 -0.56
C LYS D 216 -15.86 10.94 0.72
N ALA D 217 -15.96 12.04 1.45
CA ALA D 217 -16.72 12.08 2.69
C ALA D 217 -18.19 11.79 2.43
N GLN D 218 -18.73 12.43 1.40
CA GLN D 218 -20.14 12.25 1.03
C GLN D 218 -20.52 10.78 0.87
N ALA D 219 -19.54 9.90 0.67
CA ALA D 219 -19.88 8.51 0.46
C ALA D 219 -19.51 7.54 1.59
N GLN D 220 -18.96 8.05 2.68
CA GLN D 220 -18.60 7.17 3.78
C GLN D 220 -19.79 6.81 4.62
N LYS D 221 -19.86 5.54 4.99
CA LYS D 221 -20.95 5.04 5.80
C LYS D 221 -20.35 4.79 7.18
N GLY D 222 -20.60 5.73 8.11
CA GLY D 222 -20.05 5.62 9.45
C GLY D 222 -19.07 6.76 9.63
N ASP D 223 -18.17 6.66 10.61
CA ASP D 223 -17.23 7.78 10.80
C ASP D 223 -15.84 7.54 10.23
N PHE D 224 -15.23 8.64 9.84
CA PHE D 224 -13.93 8.68 9.24
C PHE D 224 -13.09 9.80 9.83
N ASP D 225 -11.84 9.98 9.39
CA ASP D 225 -10.99 11.06 9.92
C ASP D 225 -10.67 12.06 8.83
N VAL D 226 -10.31 13.27 9.22
CA VAL D 226 -10.02 14.33 8.27
C VAL D 226 -8.72 15.05 8.62
N VAL D 227 -8.11 15.67 7.64
CA VAL D 227 -6.91 16.45 7.76
C VAL D 227 -7.15 17.55 6.75
N ALA D 228 -7.30 18.78 7.25
CA ALA D 228 -7.60 19.89 6.37
C ALA D 228 -7.20 21.20 7.02
N LYS D 229 -7.25 22.28 6.25
CA LYS D 229 -6.89 23.60 6.74
C LYS D 229 -8.14 24.40 7.22
N ILE D 230 -7.95 25.21 8.24
CA ILE D 230 -9.06 26.02 8.71
C ILE D 230 -9.04 27.33 7.95
N LEU D 231 -10.01 27.51 7.06
CA LEU D 231 -10.09 28.74 6.26
C LEU D 231 -10.80 29.84 7.05
N GLN D 232 -11.73 29.45 7.93
CA GLN D 232 -12.46 30.44 8.70
C GLN D 232 -12.99 29.91 10.03
N VAL D 233 -12.90 30.75 11.05
CA VAL D 233 -13.42 30.40 12.36
C VAL D 233 -14.61 31.33 12.52
N HIS D 234 -15.79 30.75 12.67
CA HIS D 234 -17.02 31.52 12.78
C HIS D 234 -17.66 31.38 14.16
N GLU D 235 -17.72 32.49 14.89
CA GLU D 235 -18.30 32.52 16.22
C GLU D 235 -19.83 32.52 16.09
N LEU D 236 -20.50 31.55 16.71
CA LEU D 236 -21.98 31.44 16.63
C LEU D 236 -22.66 31.98 17.89
N ASP D 237 -22.23 31.46 19.02
CA ASP D 237 -22.71 31.86 20.33
C ASP D 237 -21.53 31.61 21.28
N GLU D 238 -21.60 32.10 22.52
CA GLU D 238 -20.49 31.93 23.44
C GLU D 238 -19.97 30.51 23.64
N TYR D 239 -20.68 29.50 23.16
CA TYR D 239 -20.19 28.14 23.36
C TYR D 239 -19.60 27.44 22.15
N THR D 240 -20.01 27.80 20.94
CA THR D 240 -19.47 27.10 19.78
C THR D 240 -19.08 27.98 18.62
N ASN D 241 -18.21 27.42 17.79
CA ASN D 241 -17.74 28.09 16.60
C ASN D 241 -18.09 27.21 15.43
N GLU D 242 -17.99 27.76 14.23
CA GLU D 242 -18.23 27.00 13.02
C GLU D 242 -16.94 27.09 12.22
N LEU D 243 -16.26 25.96 12.07
CA LEU D 243 -15.02 25.91 11.30
C LEU D 243 -15.25 25.69 9.78
N LYS D 244 -14.61 26.50 8.96
CA LYS D 244 -14.72 26.32 7.52
C LYS D 244 -13.46 25.53 7.13
N LEU D 245 -13.69 24.29 6.68
CA LEU D 245 -12.64 23.35 6.30
C LEU D 245 -12.47 23.11 4.82
N LYS D 246 -11.21 22.87 4.43
CA LYS D 246 -10.80 22.58 3.06
C LYS D 246 -9.50 21.75 3.13
N ASP D 247 -9.54 20.58 2.52
CA ASP D 247 -8.38 19.69 2.49
C ASP D 247 -7.75 19.62 1.10
N ALA D 248 -6.80 18.73 0.92
CA ALA D 248 -6.10 18.59 -0.37
C ALA D 248 -7.00 18.25 -1.58
N SER D 249 -8.14 17.60 -1.34
CA SER D 249 -9.04 17.24 -2.41
C SER D 249 -9.82 18.44 -2.93
N GLY D 250 -9.55 19.63 -2.40
CA GLY D 250 -10.24 20.84 -2.83
C GLY D 250 -11.63 21.07 -2.25
N GLN D 251 -12.19 20.06 -1.61
CA GLN D 251 -13.52 20.19 -1.03
C GLN D 251 -13.60 21.04 0.24
N VAL D 252 -14.65 21.86 0.31
CA VAL D 252 -14.89 22.73 1.46
C VAL D 252 -16.01 22.16 2.32
N PHE D 253 -15.77 22.05 3.61
CA PHE D 253 -16.81 21.55 4.54
C PHE D 253 -16.89 22.48 5.75
N TYR D 254 -17.82 22.18 6.64
CA TYR D 254 -18.07 22.98 7.81
C TYR D 254 -18.43 22.08 8.96
N THR D 255 -17.90 22.44 10.14
CA THR D 255 -18.25 21.66 11.30
C THR D 255 -18.41 22.60 12.52
N LEU D 256 -19.04 22.09 13.56
CA LEU D 256 -19.23 22.85 14.78
C LEU D 256 -18.27 22.39 15.88
N SER D 257 -17.36 23.25 16.33
CA SER D 257 -16.49 22.84 17.42
C SER D 257 -16.81 23.65 18.66
N LEU D 258 -16.94 22.92 19.75
CA LEU D 258 -17.23 23.50 21.06
C LEU D 258 -15.98 24.20 21.58
N LYS D 259 -16.04 25.53 21.69
CA LYS D 259 -14.91 26.33 22.18
C LYS D 259 -14.28 25.73 23.44
N LEU D 260 -15.10 25.13 24.28
CA LEU D 260 -14.58 24.50 25.50
C LEU D 260 -13.63 23.35 25.19
N LYS D 261 -13.99 22.51 24.21
CA LYS D 261 -13.15 21.39 23.83
C LYS D 261 -11.97 21.83 22.99
N PHE D 262 -12.22 22.70 22.01
CA PHE D 262 -11.18 23.14 21.11
C PHE D 262 -10.91 24.63 21.04
N PRO D 263 -10.27 25.19 22.08
CA PRO D 263 -9.94 26.60 22.19
C PRO D 263 -8.79 27.01 21.29
N HIS D 264 -7.96 26.02 20.93
CA HIS D 264 -6.79 26.27 20.10
C HIS D 264 -7.05 26.52 18.63
N VAL D 265 -8.25 26.23 18.15
CA VAL D 265 -8.59 26.41 16.75
C VAL D 265 -8.32 27.83 16.24
N ARG D 266 -7.57 27.95 15.15
CA ARG D 266 -7.23 29.25 14.57
C ARG D 266 -7.20 29.20 13.04
N THR D 267 -7.71 30.25 12.40
CA THR D 267 -7.73 30.34 10.95
C THR D 267 -6.31 30.21 10.40
N GLY D 268 -6.17 29.52 9.26
CA GLY D 268 -4.87 29.35 8.63
C GLY D 268 -4.03 28.18 9.12
N GLU D 269 -4.51 27.45 10.12
CA GLU D 269 -3.77 26.32 10.65
C GLU D 269 -4.32 24.99 10.14
N VAL D 270 -3.46 23.98 10.10
CA VAL D 270 -3.86 22.66 9.63
C VAL D 270 -4.16 21.79 10.81
N VAL D 271 -5.28 21.08 10.75
CA VAL D 271 -5.68 20.21 11.85
C VAL D 271 -6.04 18.84 11.31
N ARG D 272 -6.18 17.89 12.22
CA ARG D 272 -6.59 16.54 11.91
C ARG D 272 -7.81 16.33 12.80
N ILE D 273 -8.91 15.86 12.23
CA ILE D 273 -10.12 15.67 12.99
C ILE D 273 -10.27 14.22 13.23
N ARG D 274 -10.28 13.84 14.49
CA ARG D 274 -10.39 12.42 14.85
C ARG D 274 -11.85 12.06 15.00
N SER D 275 -12.44 11.42 13.99
CA SER D 275 -13.83 10.96 13.98
C SER D 275 -14.91 12.00 13.64
N ALA D 276 -15.29 12.11 12.37
CA ALA D 276 -16.34 13.00 11.94
C ALA D 276 -17.31 12.13 11.10
N THR D 277 -18.55 12.58 10.99
CA THR D 277 -19.53 11.86 10.19
C THR D 277 -20.11 12.83 9.17
N TYR D 278 -20.47 12.31 8.00
CA TYR D 278 -21.04 13.17 6.97
C TYR D 278 -22.50 13.44 7.37
N ASP D 279 -22.95 14.68 7.23
CA ASP D 279 -24.34 14.99 7.58
C ASP D 279 -25.20 14.71 6.35
N GLU D 280 -25.92 13.58 6.34
CA GLU D 280 -26.74 13.22 5.17
C GLU D 280 -27.71 14.31 4.78
N THR D 281 -28.35 14.88 5.79
CA THR D 281 -29.31 15.94 5.57
C THR D 281 -28.55 17.23 5.22
N SER D 282 -27.67 17.13 4.23
CA SER D 282 -26.86 18.27 3.82
C SER D 282 -27.44 18.96 2.61
N THR D 283 -27.69 20.26 2.75
CA THR D 283 -28.28 21.04 1.68
C THR D 283 -27.57 22.39 1.57
N GLN D 284 -26.87 22.56 0.45
CA GLN D 284 -26.15 23.80 0.15
C GLN D 284 -25.05 24.17 1.17
N LYS D 285 -24.51 23.14 1.83
CA LYS D 285 -23.43 23.28 2.79
C LYS D 285 -23.09 21.89 3.30
N LYS D 286 -21.93 21.43 2.91
CA LYS D 286 -21.47 20.12 3.32
C LYS D 286 -21.01 20.21 4.77
N VAL D 287 -21.60 19.37 5.60
CA VAL D 287 -21.32 19.41 7.03
C VAL D 287 -20.76 18.15 7.66
N LEU D 288 -19.75 18.33 8.49
CA LEU D 288 -19.18 17.21 9.22
C LEU D 288 -19.78 17.30 10.62
N ILE D 289 -20.02 16.17 11.25
CA ILE D 289 -20.61 16.12 12.56
C ILE D 289 -19.70 15.43 13.54
N LEU D 290 -19.31 16.15 14.60
CA LEU D 290 -18.44 15.59 15.63
C LEU D 290 -19.22 14.94 16.77
N SER D 291 -18.51 14.12 17.54
CA SER D 291 -19.05 13.40 18.69
C SER D 291 -18.30 13.79 19.96
N HIS D 292 -18.76 13.30 21.11
CA HIS D 292 -18.08 13.68 22.32
C HIS D 292 -16.64 13.24 22.32
N TYR D 293 -16.38 12.04 21.80
CA TYR D 293 -15.02 11.53 21.74
C TYR D 293 -14.20 12.17 20.62
N SER D 294 -14.85 12.85 19.69
CA SER D 294 -14.12 13.52 18.62
C SER D 294 -13.02 14.41 19.16
N ASN D 295 -12.06 14.75 18.32
CA ASN D 295 -10.95 15.59 18.74
C ASN D 295 -10.38 16.37 17.57
N ILE D 296 -9.99 17.61 17.81
CA ILE D 296 -9.41 18.43 16.76
C ILE D 296 -7.97 18.66 17.18
N ILE D 297 -7.03 18.09 16.43
CA ILE D 297 -5.60 18.19 16.77
C ILE D 297 -4.78 19.04 15.82
N THR D 298 -3.77 19.72 16.36
CA THR D 298 -2.86 20.54 15.59
C THR D 298 -1.54 19.78 15.52
N PHE D 299 -0.60 20.33 14.79
CA PHE D 299 0.72 19.71 14.65
C PHE D 299 1.85 20.61 15.14
N ILE D 300 2.87 20.01 15.78
CA ILE D 300 4.05 20.78 16.23
C ILE D 300 4.65 21.49 15.04
N GLN D 301 5.33 22.59 15.31
CA GLN D 301 5.90 23.42 14.26
C GLN D 301 6.78 22.76 13.19
N SER D 302 7.35 21.60 13.50
CA SER D 302 8.23 20.91 12.55
C SER D 302 7.51 20.01 11.54
N SER D 303 6.20 19.83 11.72
CA SER D 303 5.38 18.96 10.86
C SER D 303 5.49 19.26 9.38
N LYS D 304 5.98 18.28 8.63
CA LYS D 304 6.16 18.45 7.20
C LYS D 304 4.76 18.47 6.59
N LEU D 305 3.89 17.67 7.18
CA LEU D 305 2.50 17.58 6.70
C LEU D 305 1.78 18.92 6.83
N ALA D 306 1.84 19.50 8.02
CA ALA D 306 1.19 20.77 8.27
C ALA D 306 1.72 21.90 7.41
N LYS D 307 3.02 21.89 7.14
CA LYS D 307 3.61 22.96 6.33
C LYS D 307 3.17 22.91 4.88
N GLU D 308 3.25 21.72 4.28
CA GLU D 308 2.87 21.54 2.89
C GLU D 308 1.40 21.94 2.67
N LEU D 309 0.55 21.53 3.61
CA LEU D 309 -0.87 21.83 3.54
C LEU D 309 -1.19 23.32 3.77
N ARG D 310 -0.38 24.05 4.51
CA ARG D 310 -0.65 25.49 4.70
C ARG D 310 -0.30 26.18 3.40
N ALA D 311 0.72 25.69 2.73
CA ALA D 311 1.14 26.28 1.47
C ALA D 311 0.28 25.84 0.28
N LYS D 312 -0.08 24.56 0.22
CA LYS D 312 -0.86 24.06 -0.90
C LYS D 312 -2.34 24.45 -0.87
N ILE D 313 -2.92 24.53 0.32
CA ILE D 313 -4.33 24.88 0.41
C ILE D 313 -4.63 26.36 0.53
N GLN D 314 -5.43 26.87 -0.41
CA GLN D 314 -5.82 28.28 -0.44
C GLN D 314 -7.35 28.46 -0.37
N ASP D 315 -7.81 29.69 -0.55
CA ASP D 315 -9.24 30.00 -0.50
C ASP D 315 -9.65 30.88 -1.68
N ASP D 316 -10.86 30.65 -2.21
CA ASP D 316 -11.35 31.48 -3.31
C ASP D 316 -12.87 31.75 -3.19
N TYR E 36 -38.70 -8.54 1.63
CA TYR E 36 -38.02 -9.75 1.16
C TYR E 36 -36.81 -9.95 2.08
N GLU E 37 -36.47 -8.88 2.78
CA GLU E 37 -35.35 -8.81 3.73
C GLU E 37 -33.99 -9.02 3.09
N TYR E 38 -33.54 -7.96 2.41
CA TYR E 38 -32.25 -7.93 1.75
C TYR E 38 -31.22 -7.51 2.78
N VAL E 39 -30.09 -8.20 2.82
CA VAL E 39 -29.02 -7.89 3.76
C VAL E 39 -27.95 -7.08 3.05
N GLU E 40 -27.22 -6.28 3.82
CA GLU E 40 -26.13 -5.48 3.27
C GLU E 40 -24.99 -6.49 3.21
N LEU E 41 -24.07 -6.31 2.25
CA LEU E 41 -22.95 -7.25 2.04
C LEU E 41 -22.15 -7.63 3.27
N ALA E 42 -21.71 -6.63 4.03
CA ALA E 42 -20.90 -6.89 5.23
C ALA E 42 -21.72 -7.43 6.41
N LYS E 43 -23.04 -7.32 6.34
CA LYS E 43 -23.89 -7.79 7.42
C LYS E 43 -24.36 -9.22 7.23
N ALA E 44 -24.16 -9.76 6.03
CA ALA E 44 -24.58 -11.13 5.70
C ALA E 44 -23.87 -12.08 6.64
N SER E 45 -24.52 -13.18 6.98
CA SER E 45 -23.90 -14.13 7.89
C SER E 45 -22.98 -15.14 7.19
N LEU E 46 -21.79 -15.35 7.74
CA LEU E 46 -20.87 -16.32 7.16
C LEU E 46 -21.10 -17.61 7.89
N THR E 47 -21.93 -17.54 8.92
CA THR E 47 -22.20 -18.68 9.78
C THR E 47 -23.41 -19.53 9.35
N SER E 48 -24.53 -18.85 9.17
CA SER E 48 -25.78 -19.50 8.78
C SER E 48 -25.79 -19.74 7.28
N ALA E 49 -25.68 -21.00 6.89
CA ALA E 49 -25.68 -21.36 5.48
C ALA E 49 -27.07 -21.08 4.91
N GLN E 50 -27.64 -19.96 5.30
CA GLN E 50 -28.97 -19.59 4.84
C GLN E 50 -28.87 -18.78 3.55
N PRO E 51 -29.93 -18.78 2.75
CA PRO E 51 -29.95 -18.05 1.49
C PRO E 51 -30.09 -16.61 1.90
N GLN E 52 -29.48 -15.71 1.16
CA GLN E 52 -29.56 -14.32 1.50
C GLN E 52 -29.73 -13.52 0.23
N HIS E 53 -30.61 -12.53 0.28
CA HIS E 53 -30.86 -11.73 -0.91
C HIS E 53 -30.15 -10.42 -0.65
N PHE E 54 -29.83 -9.69 -1.71
CA PHE E 54 -29.12 -8.42 -1.56
C PHE E 54 -29.03 -7.65 -2.85
N TYR E 55 -28.75 -6.36 -2.73
CA TYR E 55 -28.55 -5.49 -3.89
C TYR E 55 -27.09 -5.12 -3.75
N ALA E 56 -26.40 -4.96 -4.87
CA ALA E 56 -25.00 -4.62 -4.82
C ALA E 56 -24.63 -3.91 -6.07
N VAL E 57 -23.47 -3.24 -6.05
CA VAL E 57 -22.99 -2.52 -7.21
C VAL E 57 -21.98 -3.44 -7.85
N VAL E 58 -22.04 -3.58 -9.17
CA VAL E 58 -21.09 -4.45 -9.86
C VAL E 58 -19.95 -3.60 -10.35
N ILE E 59 -18.74 -3.92 -9.87
CA ILE E 59 -17.57 -3.17 -10.27
C ILE E 59 -16.70 -3.92 -11.24
N ASP E 60 -16.92 -5.23 -11.37
CA ASP E 60 -16.11 -6.05 -12.26
C ASP E 60 -16.74 -7.42 -12.54
N ALA E 61 -16.47 -7.97 -13.73
CA ALA E 61 -17.03 -9.28 -14.09
C ALA E 61 -16.44 -9.97 -15.33
N THR E 62 -16.52 -11.29 -15.30
CA THR E 62 -16.07 -12.11 -16.42
C THR E 62 -17.23 -12.28 -17.35
N PHE E 63 -16.99 -12.62 -18.60
CA PHE E 63 -18.11 -12.89 -19.49
C PHE E 63 -18.72 -14.20 -19.06
N PRO E 64 -20.05 -14.42 -19.18
CA PRO E 64 -20.51 -15.78 -18.84
C PRO E 64 -19.75 -16.83 -19.64
N TYR E 65 -19.28 -17.88 -19.03
CA TYR E 65 -18.54 -18.85 -19.86
C TYR E 65 -18.81 -20.31 -19.49
N LYS E 66 -18.55 -21.17 -20.46
CA LYS E 66 -18.78 -22.63 -20.35
C LYS E 66 -17.63 -23.44 -19.74
N THR E 67 -17.96 -24.38 -18.87
CA THR E 67 -16.94 -25.21 -18.24
C THR E 67 -17.11 -26.66 -18.72
N ASN E 68 -18.36 -27.14 -18.75
CA ASN E 68 -18.68 -28.48 -19.23
C ASN E 68 -20.03 -28.38 -19.94
N GLN E 69 -20.39 -29.44 -20.66
CA GLN E 69 -21.62 -29.52 -21.43
C GLN E 69 -22.82 -28.69 -20.90
N GLU E 70 -23.02 -28.69 -19.58
CA GLU E 70 -24.15 -27.96 -19.00
C GLU E 70 -23.78 -26.99 -17.87
N ARG E 71 -22.50 -26.68 -17.76
CA ARG E 71 -22.04 -25.79 -16.71
C ARG E 71 -21.58 -24.43 -17.21
N TYR E 72 -22.18 -23.39 -16.69
CA TYR E 72 -21.82 -22.02 -17.04
C TYR E 72 -21.59 -21.25 -15.76
N ILE E 73 -20.51 -20.49 -15.74
CA ILE E 73 -20.18 -19.73 -14.55
C ILE E 73 -19.95 -18.28 -14.92
N CYS E 74 -20.24 -17.41 -13.96
CA CYS E 74 -20.00 -15.98 -14.11
C CYS E 74 -19.50 -15.49 -12.74
N SER E 75 -18.38 -14.79 -12.76
CA SER E 75 -17.78 -14.29 -11.54
C SER E 75 -17.80 -12.78 -11.55
N LEU E 76 -18.25 -12.18 -10.45
CA LEU E 76 -18.32 -10.72 -10.37
C LEU E 76 -17.75 -10.19 -9.05
N LYS E 77 -17.26 -8.97 -9.09
CA LYS E 77 -16.73 -8.30 -7.91
C LYS E 77 -17.82 -7.30 -7.53
N ILE E 78 -18.42 -7.49 -6.37
CA ILE E 78 -19.47 -6.58 -5.92
C ILE E 78 -19.16 -5.77 -4.66
N VAL E 79 -19.66 -4.54 -4.64
CA VAL E 79 -19.49 -3.61 -3.53
C VAL E 79 -20.85 -3.06 -3.09
N ASP E 80 -20.90 -2.53 -1.87
CA ASP E 80 -22.13 -1.90 -1.36
C ASP E 80 -21.76 -0.95 -0.23
N PRO E 81 -22.67 -0.05 0.18
CA PRO E 81 -22.42 0.94 1.25
C PRO E 81 -21.64 0.44 2.47
N THR E 82 -21.78 -0.83 2.80
CA THR E 82 -21.07 -1.42 3.94
C THR E 82 -19.79 -2.19 3.57
N LEU E 83 -19.39 -2.16 2.31
CA LEU E 83 -18.21 -2.89 1.86
C LEU E 83 -17.61 -2.29 0.59
N TYR E 84 -16.64 -1.40 0.77
CA TYR E 84 -15.96 -0.73 -0.33
C TYR E 84 -14.60 -0.35 0.26
N LEU E 85 -13.79 0.40 -0.48
CA LEU E 85 -12.48 0.81 0.00
C LEU E 85 -12.60 1.97 0.98
N LYS E 86 -12.12 1.78 2.20
CA LYS E 86 -12.18 2.83 3.21
C LYS E 86 -10.85 2.84 4.00
N GLN E 87 -10.74 3.65 5.05
CA GLN E 87 -9.49 3.65 5.81
C GLN E 87 -9.56 2.64 6.94
N GLN E 88 -8.46 2.44 7.67
CA GLN E 88 -8.44 1.48 8.78
C GLN E 88 -8.83 2.14 10.09
N LYS E 89 -9.67 1.45 10.84
CA LYS E 89 -10.10 1.88 12.16
C LYS E 89 -9.66 0.81 13.15
N GLY E 90 -10.48 -0.25 13.22
CA GLY E 90 -10.21 -1.38 14.11
C GLY E 90 -10.49 -2.71 13.42
N ALA E 94 -10.29 -5.62 7.14
CA ALA E 94 -9.54 -4.99 6.07
C ALA E 94 -9.90 -5.61 4.70
N SER E 95 -10.96 -5.09 4.08
CA SER E 95 -11.46 -5.67 2.77
C SER E 95 -12.11 -4.63 1.86
N ASP E 96 -11.94 -4.67 0.57
CA ASP E 96 -12.61 -3.61 -0.14
C ASP E 96 -13.83 -4.07 -0.97
N TYR E 97 -13.91 -5.32 -1.47
CA TYR E 97 -15.07 -5.77 -2.27
C TYR E 97 -15.38 -7.24 -1.95
N ALA E 98 -16.50 -7.73 -2.42
CA ALA E 98 -16.85 -9.14 -2.22
C ALA E 98 -16.87 -9.80 -3.60
N THR E 99 -17.00 -11.11 -3.62
CA THR E 99 -17.02 -11.84 -4.87
C THR E 99 -18.33 -12.59 -5.02
N LEU E 100 -18.88 -12.54 -6.23
CA LEU E 100 -20.13 -13.23 -6.54
C LEU E 100 -19.93 -14.21 -7.70
N VAL E 101 -20.19 -15.49 -7.45
CA VAL E 101 -20.06 -16.52 -8.45
C VAL E 101 -21.46 -17.06 -8.76
N LEU E 102 -21.85 -16.99 -10.02
CA LEU E 102 -23.16 -17.47 -10.43
C LEU E 102 -23.00 -18.72 -11.29
N TYR E 103 -23.72 -19.78 -10.92
CA TYR E 103 -23.71 -21.05 -11.66
C TYR E 103 -25.05 -21.32 -12.34
N ALA E 104 -24.99 -21.86 -13.55
CA ALA E 104 -26.21 -22.16 -14.29
C ALA E 104 -26.04 -23.38 -15.21
N LYS E 105 -27.06 -23.65 -16.02
CA LYS E 105 -27.01 -24.76 -16.95
C LYS E 105 -26.91 -24.24 -18.37
N ARG E 106 -27.43 -23.05 -18.60
CA ARG E 106 -27.42 -22.47 -19.92
C ARG E 106 -26.72 -21.12 -19.83
N PHE E 107 -26.06 -20.72 -20.91
CA PHE E 107 -25.37 -19.45 -20.93
C PHE E 107 -26.38 -18.32 -20.71
N GLU E 108 -27.55 -18.46 -21.33
CA GLU E 108 -28.57 -17.43 -21.23
C GLU E 108 -28.98 -17.10 -19.79
N ASP E 109 -28.89 -18.07 -18.88
CA ASP E 109 -29.26 -17.82 -17.49
C ASP E 109 -28.20 -17.07 -16.67
N LEU E 110 -27.25 -16.44 -17.33
CA LEU E 110 -26.23 -15.71 -16.61
C LEU E 110 -26.22 -14.26 -17.04
N PRO E 111 -25.77 -13.37 -16.14
CA PRO E 111 -25.68 -11.92 -16.35
C PRO E 111 -24.51 -11.49 -17.22
N ILE E 112 -24.79 -10.67 -18.22
CA ILE E 112 -23.73 -10.18 -19.09
C ILE E 112 -23.51 -8.78 -18.62
N ILE E 113 -22.30 -8.49 -18.16
CA ILE E 113 -22.02 -7.17 -17.67
C ILE E 113 -21.08 -6.42 -18.57
N HIS E 114 -21.60 -5.33 -19.12
CA HIS E 114 -20.87 -4.46 -20.04
C HIS E 114 -20.37 -3.20 -19.34
N ARG E 115 -20.85 -2.94 -18.13
CA ARG E 115 -20.47 -1.69 -17.49
C ARG E 115 -20.31 -1.76 -15.98
N ALA E 116 -19.23 -1.16 -15.49
CA ALA E 116 -18.92 -1.12 -14.06
C ALA E 116 -19.77 0.00 -13.52
N GLY E 117 -20.52 -0.29 -12.45
CA GLY E 117 -21.35 0.75 -11.88
C GLY E 117 -22.82 0.41 -11.81
N ASP E 118 -23.30 -0.49 -12.67
CA ASP E 118 -24.69 -0.86 -12.61
C ASP E 118 -24.94 -1.71 -11.37
N ILE E 119 -26.20 -1.89 -11.01
CA ILE E 119 -26.60 -2.64 -9.83
C ILE E 119 -27.20 -3.99 -10.16
N ILE E 120 -26.99 -4.96 -9.27
CA ILE E 120 -27.53 -6.29 -9.45
C ILE E 120 -28.17 -6.72 -8.14
N ARG E 121 -29.32 -7.39 -8.21
CA ARG E 121 -29.92 -7.88 -6.98
C ARG E 121 -30.11 -9.36 -7.20
N VAL E 122 -29.62 -10.15 -6.24
CA VAL E 122 -29.68 -11.59 -6.36
C VAL E 122 -30.57 -12.18 -5.27
N HIS E 123 -31.27 -13.26 -5.62
CA HIS E 123 -32.18 -13.92 -4.69
C HIS E 123 -31.68 -15.32 -4.34
N ARG E 124 -31.75 -15.63 -3.05
CA ARG E 124 -31.35 -16.93 -2.53
C ARG E 124 -29.91 -17.33 -2.92
N ALA E 125 -28.96 -16.57 -2.44
CA ALA E 125 -27.56 -16.88 -2.70
C ALA E 125 -27.00 -17.31 -1.37
N THR E 126 -26.03 -18.20 -1.35
CA THR E 126 -25.46 -18.58 -0.07
C THR E 126 -24.19 -17.78 0.01
N LEU E 127 -23.61 -17.73 1.21
CA LEU E 127 -22.38 -16.99 1.46
C LEU E 127 -21.42 -17.90 2.17
N ARG E 128 -20.16 -17.76 1.79
CA ARG E 128 -19.12 -18.58 2.37
C ARG E 128 -17.87 -17.71 2.37
N LEU E 129 -16.84 -18.14 3.08
CA LEU E 129 -15.62 -17.36 3.12
C LEU E 129 -14.54 -18.07 2.33
N TYR E 130 -14.15 -17.48 1.21
CA TYR E 130 -13.13 -18.08 0.36
C TYR E 130 -11.86 -17.24 0.36
N ASN E 131 -10.81 -17.78 0.98
CA ASN E 131 -9.53 -17.11 1.05
C ASN E 131 -9.64 -15.67 1.57
N GLY E 132 -10.33 -15.50 2.69
CA GLY E 132 -10.46 -14.19 3.30
C GLY E 132 -11.49 -13.20 2.81
N GLN E 133 -12.07 -13.41 1.64
CA GLN E 133 -13.07 -12.48 1.14
C GLN E 133 -14.46 -13.09 1.34
N ARG E 134 -15.49 -12.26 1.16
CA ARG E 134 -16.86 -12.73 1.26
C ARG E 134 -17.24 -13.11 -0.18
N GLN E 135 -17.31 -14.41 -0.43
CA GLN E 135 -17.65 -14.95 -1.73
C GLN E 135 -19.09 -15.44 -1.71
N PHE E 136 -19.96 -14.72 -2.41
CA PHE E 136 -21.35 -15.12 -2.44
C PHE E 136 -21.58 -16.09 -3.60
N ASN E 137 -22.37 -17.11 -3.35
CA ASN E 137 -22.68 -18.14 -4.33
C ASN E 137 -24.16 -18.30 -4.62
N ALA E 138 -24.50 -18.04 -5.88
CA ALA E 138 -25.87 -18.15 -6.36
C ALA E 138 -25.96 -19.22 -7.44
N ASN E 139 -26.53 -20.36 -7.08
CA ASN E 139 -26.69 -21.44 -8.05
C ASN E 139 -28.04 -21.31 -8.78
N VAL E 140 -28.01 -20.54 -9.87
CA VAL E 140 -29.17 -20.25 -10.73
C VAL E 140 -29.84 -21.48 -11.33
N PHE E 141 -29.17 -22.62 -11.24
CA PHE E 141 -29.69 -23.88 -11.76
C PHE E 141 -30.51 -24.50 -10.64
N TYR E 142 -30.28 -24.01 -9.44
CA TYR E 142 -30.96 -24.51 -8.25
C TYR E 142 -32.26 -23.74 -8.00
N SER E 143 -32.12 -22.54 -7.45
CA SER E 143 -33.25 -21.67 -7.12
C SER E 143 -32.96 -20.19 -7.39
N SER E 144 -31.75 -19.77 -7.05
CA SER E 144 -31.28 -18.39 -7.23
C SER E 144 -31.72 -17.71 -8.49
N SER E 145 -31.83 -16.38 -8.42
CA SER E 145 -32.20 -15.58 -9.56
C SER E 145 -31.46 -14.27 -9.39
N TRP E 146 -31.38 -13.48 -10.45
CA TRP E 146 -30.67 -12.21 -10.40
C TRP E 146 -31.35 -11.23 -11.34
N ALA E 147 -31.19 -9.94 -11.08
CA ALA E 147 -31.77 -8.90 -11.92
C ALA E 147 -30.78 -7.74 -11.96
N LEU E 148 -30.63 -7.13 -13.12
CA LEU E 148 -29.70 -6.02 -13.26
C LEU E 148 -30.40 -4.72 -13.47
N PHE E 149 -30.07 -3.73 -12.64
CA PHE E 149 -30.67 -2.43 -12.79
C PHE E 149 -29.57 -1.51 -13.22
N SER E 150 -29.89 -0.60 -14.12
CA SER E 150 -28.91 0.32 -14.66
C SER E 150 -28.76 1.55 -13.79
N THR E 151 -27.53 1.91 -13.45
CA THR E 151 -27.30 3.07 -12.62
C THR E 151 -27.57 4.33 -13.42
N ASP E 152 -26.94 4.46 -14.59
CA ASP E 152 -27.21 5.63 -15.41
C ASP E 152 -28.64 5.46 -15.95
N LYS E 153 -29.17 6.50 -16.60
CA LYS E 153 -30.54 6.43 -17.13
C LYS E 153 -30.75 5.27 -18.06
N ARG E 154 -29.83 5.09 -19.00
CA ARG E 154 -29.91 4.01 -19.96
C ARG E 154 -28.95 2.89 -19.64
N SER E 155 -29.41 1.68 -19.92
CA SER E 155 -28.54 0.52 -19.79
C SER E 155 -27.66 0.61 -21.03
N VAL E 156 -26.49 -0.01 -21.03
CA VAL E 156 -25.61 0.05 -22.21
C VAL E 156 -26.35 -0.39 -23.49
N THR E 157 -26.98 -1.55 -23.43
CA THR E 157 -27.72 -2.08 -24.56
C THR E 157 -28.71 -1.01 -25.03
N GLN E 158 -29.29 -0.28 -24.08
CA GLN E 158 -30.22 0.79 -24.41
C GLN E 158 -29.58 1.99 -25.05
N GLU E 159 -28.49 2.51 -24.49
CA GLU E 159 -27.91 3.70 -25.14
C GLU E 159 -27.39 3.41 -26.54
N ILE E 160 -27.00 2.15 -26.83
CA ILE E 160 -26.51 1.81 -28.17
C ILE E 160 -27.66 1.87 -29.12
N ASN E 161 -28.77 1.27 -28.69
CA ASN E 161 -30.02 1.22 -29.48
C ASN E 161 -30.88 2.49 -29.35
N ASN E 162 -30.51 3.37 -28.43
CA ASN E 162 -31.26 4.60 -28.23
C ASN E 162 -32.69 4.36 -27.71
N GLN E 163 -32.83 3.31 -26.90
CA GLN E 163 -34.12 2.94 -26.30
C GLN E 163 -34.34 3.73 -25.02
N ASP E 164 -35.59 3.97 -24.64
CA ASP E 164 -35.85 4.65 -23.37
C ASP E 164 -36.26 3.54 -22.39
N ALA E 165 -35.81 3.65 -21.15
CA ALA E 165 -36.13 2.66 -20.13
C ALA E 165 -37.61 2.68 -19.75
N VAL E 166 -38.25 1.52 -19.79
CA VAL E 166 -39.68 1.41 -19.44
C VAL E 166 -40.01 2.22 -18.18
N SER E 167 -39.18 2.05 -17.13
CA SER E 167 -39.36 2.78 -15.89
C SER E 167 -38.05 2.77 -15.12
N ASP E 168 -37.94 3.62 -14.11
CA ASP E 168 -36.73 3.70 -13.32
C ASP E 168 -36.38 2.38 -12.65
N THR E 169 -37.39 1.66 -12.17
CA THR E 169 -37.13 0.40 -11.50
C THR E 169 -36.97 -0.83 -12.40
N THR E 170 -37.81 -0.96 -13.40
CA THR E 170 -37.69 -2.13 -14.28
C THR E 170 -36.25 -2.56 -14.62
N PRO E 171 -35.90 -3.83 -14.34
CA PRO E 171 -34.57 -4.39 -14.61
C PRO E 171 -34.35 -4.45 -16.13
N PHE E 172 -33.18 -4.03 -16.61
CA PHE E 172 -32.92 -4.08 -18.04
C PHE E 172 -32.58 -5.51 -18.44
N SER E 173 -32.49 -6.40 -17.45
CA SER E 173 -32.15 -7.80 -17.67
C SER E 173 -32.35 -8.57 -16.37
N PHE E 174 -32.88 -9.79 -16.46
CA PHE E 174 -33.14 -10.63 -15.29
C PHE E 174 -33.11 -12.09 -15.67
N SER E 175 -32.99 -12.96 -14.68
CA SER E 175 -32.92 -14.38 -14.96
C SER E 175 -34.26 -15.11 -14.96
N SER E 176 -35.12 -14.74 -14.01
CA SER E 176 -36.44 -15.37 -13.88
C SER E 176 -37.37 -15.16 -15.09
N LYS E 177 -38.56 -15.75 -15.00
CA LYS E 177 -39.55 -15.67 -16.07
C LYS E 177 -40.43 -14.42 -15.99
N HIS E 178 -40.17 -13.62 -14.96
CA HIS E 178 -40.79 -12.36 -14.58
C HIS E 178 -40.11 -12.07 -13.29
N ALA E 179 -40.03 -10.83 -12.87
CA ALA E 179 -39.38 -10.56 -11.59
C ALA E 179 -39.96 -9.33 -10.89
N THR E 180 -40.90 -9.57 -9.98
CA THR E 180 -41.56 -8.50 -9.24
C THR E 180 -40.61 -7.61 -8.42
N ILE E 181 -40.80 -6.31 -8.55
CA ILE E 181 -40.01 -5.36 -7.76
C ILE E 181 -41.01 -4.72 -6.80
N GLU E 182 -40.97 -5.13 -5.55
CA GLU E 182 -41.91 -4.60 -4.56
C GLU E 182 -41.64 -3.17 -4.09
N LYS E 183 -42.50 -2.70 -3.17
CA LYS E 183 -42.42 -1.35 -2.61
C LYS E 183 -41.11 -0.94 -1.93
N ASN E 184 -40.79 -1.60 -0.81
CA ASN E 184 -39.57 -1.28 -0.06
C ASN E 184 -38.29 -1.28 -0.88
N GLU E 185 -38.22 -2.14 -1.90
CA GLU E 185 -37.02 -2.23 -2.74
C GLU E 185 -36.64 -0.93 -3.40
N ILE E 186 -37.63 -0.21 -3.92
CA ILE E 186 -37.41 1.06 -4.60
C ILE E 186 -36.42 1.92 -3.83
N SER E 187 -36.73 2.16 -2.56
CA SER E 187 -35.86 2.98 -1.71
C SER E 187 -34.44 2.40 -1.71
N ILE E 188 -34.35 1.09 -1.50
CA ILE E 188 -33.06 0.41 -1.50
C ILE E 188 -32.32 0.65 -2.81
N LEU E 189 -33.02 0.45 -3.92
CA LEU E 189 -32.45 0.64 -5.24
C LEU E 189 -32.04 2.08 -5.47
N GLN E 190 -32.93 3.01 -5.16
CA GLN E 190 -32.63 4.41 -5.37
C GLN E 190 -31.50 4.90 -4.48
N ASN E 191 -31.41 4.30 -3.31
CA ASN E 191 -30.35 4.65 -2.37
C ASN E 191 -29.04 4.14 -2.93
N LEU E 192 -29.04 2.88 -3.37
CA LEU E 192 -27.85 2.27 -3.93
C LEU E 192 -27.30 3.00 -5.15
N ARG E 193 -28.17 3.63 -5.93
CA ARG E 193 -27.72 4.36 -7.10
C ARG E 193 -27.06 5.63 -6.67
N LYS E 194 -27.65 6.24 -5.65
CA LYS E 194 -27.14 7.50 -5.14
C LYS E 194 -25.73 7.25 -4.61
N TRP E 195 -25.58 6.19 -3.83
CA TRP E 195 -24.29 5.81 -3.30
C TRP E 195 -23.31 5.47 -4.45
N ALA E 196 -23.77 4.63 -5.38
CA ALA E 196 -22.99 4.21 -6.53
C ALA E 196 -22.28 5.38 -7.18
N ASN E 197 -23.04 6.42 -7.53
CA ASN E 197 -22.44 7.58 -8.16
C ASN E 197 -21.52 8.32 -7.18
N GLN E 198 -21.86 8.32 -5.89
CA GLN E 198 -21.01 9.01 -4.92
C GLN E 198 -19.66 8.30 -4.92
N TYR E 199 -19.69 6.99 -4.73
CA TYR E 199 -18.49 6.19 -4.74
C TYR E 199 -17.69 6.38 -6.03
N PHE E 200 -18.31 6.09 -7.18
CA PHE E 200 -17.65 6.21 -8.49
C PHE E 200 -17.18 7.61 -8.87
N SER E 201 -17.59 8.63 -8.13
CA SER E 201 -17.14 9.99 -8.45
C SER E 201 -15.94 10.43 -7.64
N SER E 202 -15.76 9.79 -6.49
CA SER E 202 -14.69 10.15 -5.59
C SER E 202 -13.61 9.07 -5.60
N TYR E 203 -14.00 7.82 -5.76
CA TYR E 203 -13.04 6.72 -5.81
C TYR E 203 -12.82 6.28 -7.29
N SER E 204 -11.66 5.65 -7.59
CA SER E 204 -11.32 5.15 -8.95
C SER E 204 -11.94 3.76 -9.19
N VAL E 205 -12.49 3.26 -8.09
CA VAL E 205 -13.14 1.94 -7.98
C VAL E 205 -12.24 0.85 -8.48
N ILE E 206 -11.85 0.91 -9.74
CA ILE E 206 -10.91 -0.10 -10.16
C ILE E 206 -9.58 0.31 -9.59
N SER E 207 -9.22 -0.37 -8.50
CA SER E 207 -8.00 -0.12 -7.73
C SER E 207 -6.76 -0.25 -8.62
N SER E 208 -5.85 0.72 -8.48
CA SER E 208 -4.60 0.80 -9.22
C SER E 208 -3.89 -0.58 -9.28
N ASP E 209 -4.33 -1.50 -8.44
CA ASP E 209 -3.74 -2.83 -8.37
C ASP E 209 -4.70 -3.94 -8.82
N MET E 210 -5.71 -3.59 -9.61
CA MET E 210 -6.63 -4.62 -10.10
C MET E 210 -6.37 -4.86 -11.59
N TYR E 211 -5.39 -4.16 -12.15
CA TYR E 211 -5.02 -4.32 -13.54
C TYR E 211 -3.51 -4.27 -13.62
N THR E 212 -2.96 -4.50 -14.80
CA THR E 212 -1.51 -4.45 -15.00
C THR E 212 -1.19 -3.45 -16.07
N ALA E 213 -0.43 -2.41 -15.74
CA ALA E 213 -0.05 -1.41 -16.74
C ALA E 213 0.44 -2.16 -17.99
N LEU E 214 0.21 -1.58 -19.16
CA LEU E 214 0.62 -2.26 -20.38
C LEU E 214 2.13 -2.47 -20.52
N ASN E 215 2.92 -1.66 -19.82
CA ASN E 215 4.38 -1.79 -19.90
C ASN E 215 4.93 -3.02 -19.16
N LYS E 216 4.04 -3.74 -18.49
CA LYS E 216 4.42 -4.93 -17.74
C LYS E 216 3.73 -6.15 -18.28
N ALA E 217 2.63 -5.92 -18.98
CA ALA E 217 1.82 -6.98 -19.54
C ALA E 217 2.69 -8.11 -20.10
N GLN E 218 3.69 -7.73 -20.95
CA GLN E 218 4.55 -8.77 -21.54
C GLN E 218 4.96 -9.74 -20.43
N ALA E 219 5.89 -9.34 -19.61
CA ALA E 219 6.46 -10.16 -18.55
C ALA E 219 5.50 -10.85 -17.55
N GLN E 220 4.27 -11.12 -17.95
CA GLN E 220 3.30 -11.83 -17.11
C GLN E 220 3.28 -13.32 -17.44
N LYS E 221 3.18 -14.17 -16.42
CA LYS E 221 3.14 -15.61 -16.67
C LYS E 221 1.87 -15.96 -17.47
N GLY E 222 0.72 -15.48 -17.01
CA GLY E 222 -0.55 -15.78 -17.69
C GLY E 222 -1.49 -14.60 -17.90
N ASP E 223 -2.71 -14.76 -17.38
CA ASP E 223 -3.76 -13.75 -17.47
C ASP E 223 -3.42 -12.49 -16.69
N PHE E 224 -4.06 -11.41 -17.09
CA PHE E 224 -3.89 -10.12 -16.44
C PHE E 224 -4.98 -9.19 -16.97
N ASP E 225 -5.37 -8.22 -16.15
CA ASP E 225 -6.39 -7.27 -16.54
C ASP E 225 -5.77 -5.97 -17.01
N VAL E 226 -6.55 -5.16 -17.71
CA VAL E 226 -6.10 -3.89 -18.26
C VAL E 226 -7.15 -2.80 -18.05
N VAL E 227 -6.76 -1.55 -18.31
CA VAL E 227 -7.63 -0.40 -18.20
C VAL E 227 -7.05 0.59 -19.18
N ALA E 228 -7.77 0.88 -20.25
CA ALA E 228 -7.26 1.78 -21.26
C ALA E 228 -8.36 2.56 -21.93
N LYS E 229 -7.94 3.43 -22.83
CA LYS E 229 -8.83 4.25 -23.61
C LYS E 229 -8.78 3.71 -25.03
N ILE E 230 -9.94 3.56 -25.66
CA ILE E 230 -9.99 3.06 -27.03
C ILE E 230 -9.67 4.22 -27.95
N LEU E 231 -8.56 4.12 -28.67
CA LEU E 231 -8.19 5.19 -29.57
C LEU E 231 -8.75 4.97 -30.95
N GLN E 232 -9.24 3.76 -31.21
CA GLN E 232 -9.74 3.46 -32.53
C GLN E 232 -10.47 2.12 -32.63
N VAL E 233 -11.69 2.17 -33.15
CA VAL E 233 -12.52 0.99 -33.36
C VAL E 233 -12.53 0.83 -34.86
N HIS E 234 -11.65 -0.05 -35.32
CA HIS E 234 -11.40 -0.34 -36.71
C HIS E 234 -11.98 -1.71 -37.11
N GLU E 235 -12.98 -1.71 -37.98
CA GLU E 235 -13.66 -2.93 -38.43
C GLU E 235 -12.90 -3.75 -39.49
N LEU E 236 -12.73 -5.05 -39.21
CA LEU E 236 -12.04 -5.98 -40.10
C LEU E 236 -12.97 -6.80 -40.97
N ASP E 237 -14.10 -7.22 -40.41
CA ASP E 237 -15.09 -8.02 -41.12
C ASP E 237 -16.46 -7.94 -40.42
N GLU E 238 -17.31 -8.94 -40.66
CA GLU E 238 -18.65 -8.98 -40.08
C GLU E 238 -18.72 -9.40 -38.63
N TYR E 239 -17.60 -9.78 -38.03
CA TYR E 239 -17.68 -10.24 -36.66
C TYR E 239 -16.66 -9.65 -35.74
N THR E 240 -15.63 -9.04 -36.31
CA THR E 240 -14.56 -8.52 -35.51
C THR E 240 -14.14 -7.09 -35.76
N ASN E 241 -13.75 -6.44 -34.66
CA ASN E 241 -13.27 -5.07 -34.70
C ASN E 241 -11.87 -5.16 -34.11
N GLU E 242 -10.98 -4.29 -34.56
CA GLU E 242 -9.64 -4.27 -34.01
C GLU E 242 -9.57 -3.02 -33.18
N LEU E 243 -9.45 -3.20 -31.86
CA LEU E 243 -9.37 -2.07 -30.96
C LEU E 243 -7.94 -1.58 -30.81
N LYS E 244 -7.76 -0.27 -30.87
CA LYS E 244 -6.44 0.31 -30.67
C LYS E 244 -6.50 0.86 -29.25
N LEU E 245 -5.67 0.31 -28.36
CA LEU E 245 -5.65 0.71 -26.96
C LEU E 245 -4.39 1.46 -26.51
N LYS E 246 -4.57 2.31 -25.50
CA LYS E 246 -3.48 3.07 -24.90
C LYS E 246 -3.83 3.38 -23.46
N ASP E 247 -3.01 2.89 -22.55
CA ASP E 247 -3.24 3.09 -21.13
C ASP E 247 -2.32 4.17 -20.56
N ALA E 248 -2.33 4.31 -19.24
CA ALA E 248 -1.53 5.32 -18.54
C ALA E 248 -0.01 5.24 -18.82
N SER E 249 0.55 4.03 -18.82
CA SER E 249 1.97 3.84 -19.05
C SER E 249 2.42 4.41 -20.39
N GLY E 250 1.47 4.75 -21.26
CA GLY E 250 1.81 5.30 -22.55
C GLY E 250 1.92 4.29 -23.68
N GLN E 251 1.78 3.00 -23.38
CA GLN E 251 1.89 1.95 -24.39
C GLN E 251 0.64 1.78 -25.24
N VAL E 252 0.84 1.49 -26.52
CA VAL E 252 -0.27 1.26 -27.44
C VAL E 252 -0.35 -0.22 -27.77
N PHE E 253 -1.54 -0.79 -27.61
CA PHE E 253 -1.79 -2.20 -27.88
C PHE E 253 -2.99 -2.41 -28.78
N TYR E 254 -3.08 -3.62 -29.31
CA TYR E 254 -4.21 -3.96 -30.15
C TYR E 254 -4.87 -5.24 -29.69
N THR E 255 -6.16 -5.36 -29.95
CA THR E 255 -6.86 -6.57 -29.58
C THR E 255 -8.06 -6.71 -30.51
N LEU E 256 -8.46 -7.96 -30.74
CA LEU E 256 -9.57 -8.31 -31.61
C LEU E 256 -10.79 -8.50 -30.73
N SER E 257 -11.80 -7.65 -30.90
CA SER E 257 -13.01 -7.83 -30.10
C SER E 257 -14.18 -8.22 -30.98
N LEU E 258 -14.83 -9.30 -30.60
CA LEU E 258 -15.97 -9.81 -31.34
C LEU E 258 -17.09 -8.76 -31.22
N LYS E 259 -17.61 -8.32 -32.35
CA LYS E 259 -18.66 -7.30 -32.39
C LYS E 259 -19.96 -7.61 -31.66
N LEU E 260 -20.40 -8.86 -31.68
CA LEU E 260 -21.66 -9.19 -31.02
C LEU E 260 -21.48 -9.56 -29.56
N LYS E 261 -20.24 -9.60 -29.11
CA LYS E 261 -19.97 -9.93 -27.71
C LYS E 261 -19.68 -8.61 -26.99
N PHE E 262 -19.08 -7.66 -27.69
CA PHE E 262 -18.75 -6.36 -27.12
C PHE E 262 -19.26 -5.21 -28.01
N PRO E 263 -20.59 -5.09 -28.12
CA PRO E 263 -21.34 -4.09 -28.91
C PRO E 263 -21.10 -2.65 -28.49
N HIS E 264 -20.81 -2.47 -27.21
CA HIS E 264 -20.62 -1.14 -26.64
C HIS E 264 -19.32 -0.44 -26.95
N VAL E 265 -18.35 -1.17 -27.45
CA VAL E 265 -17.07 -0.55 -27.73
C VAL E 265 -17.15 0.64 -28.67
N ARG E 266 -16.73 1.79 -28.17
CA ARG E 266 -16.74 3.01 -28.97
C ARG E 266 -15.39 3.71 -28.83
N THR E 267 -15.01 4.42 -29.88
CA THR E 267 -13.75 5.15 -29.87
C THR E 267 -13.79 6.22 -28.79
N GLY E 268 -12.61 6.57 -28.27
CA GLY E 268 -12.49 7.61 -27.27
C GLY E 268 -12.91 7.25 -25.86
N GLU E 269 -13.15 5.97 -25.59
CA GLU E 269 -13.57 5.58 -24.25
C GLU E 269 -12.59 4.75 -23.46
N VAL E 270 -12.76 4.79 -22.15
CA VAL E 270 -11.93 4.01 -21.25
C VAL E 270 -12.70 2.74 -20.96
N VAL E 271 -12.03 1.60 -21.11
CA VAL E 271 -12.65 0.33 -20.81
C VAL E 271 -11.70 -0.45 -19.92
N ARG E 272 -12.23 -1.44 -19.23
CA ARG E 272 -11.43 -2.30 -18.39
C ARG E 272 -11.52 -3.69 -19.02
N ILE E 273 -10.38 -4.24 -19.43
CA ILE E 273 -10.36 -5.55 -20.06
C ILE E 273 -10.03 -6.65 -19.04
N ARG E 274 -11.00 -7.49 -18.73
CA ARG E 274 -10.84 -8.60 -17.79
C ARG E 274 -10.27 -9.80 -18.55
N SER E 275 -9.14 -10.31 -18.06
CA SER E 275 -8.46 -11.46 -18.69
C SER E 275 -7.91 -11.30 -20.12
N ALA E 276 -6.71 -10.76 -20.22
CA ALA E 276 -6.07 -10.61 -21.52
C ALA E 276 -4.78 -11.40 -21.41
N THR E 277 -4.04 -11.53 -22.51
CA THR E 277 -2.78 -12.25 -22.51
C THR E 277 -1.91 -11.58 -23.57
N TYR E 278 -0.61 -11.50 -23.32
CA TYR E 278 0.29 -10.90 -24.30
C TYR E 278 0.54 -11.88 -25.46
N ASP E 279 0.58 -11.35 -26.68
CA ASP E 279 0.85 -12.17 -27.85
C ASP E 279 2.36 -12.28 -27.96
N GLU E 280 2.92 -13.35 -27.40
CA GLU E 280 4.37 -13.55 -27.44
C GLU E 280 4.89 -13.53 -28.87
N THR E 281 4.10 -14.06 -29.80
CA THR E 281 4.50 -14.07 -31.21
C THR E 281 4.16 -12.73 -31.86
N SER E 282 4.02 -11.70 -31.03
CA SER E 282 3.69 -10.38 -31.55
C SER E 282 4.98 -9.65 -31.97
N THR E 283 5.17 -9.58 -33.28
CA THR E 283 6.35 -8.96 -33.89
C THR E 283 6.60 -7.48 -33.55
N GLN E 284 5.99 -6.56 -34.29
CA GLN E 284 6.20 -5.15 -34.08
C GLN E 284 4.98 -4.42 -33.51
N LYS E 285 3.88 -5.13 -33.36
CA LYS E 285 2.63 -4.55 -32.94
C LYS E 285 2.03 -5.34 -31.79
N LYS E 286 2.16 -4.78 -30.60
CA LYS E 286 1.69 -5.44 -29.36
C LYS E 286 0.22 -5.86 -29.41
N VAL E 287 -0.03 -7.14 -29.20
CA VAL E 287 -1.37 -7.63 -29.28
C VAL E 287 -1.84 -8.36 -28.05
N LEU E 288 -2.94 -7.89 -27.48
CA LEU E 288 -3.52 -8.54 -26.32
C LEU E 288 -4.47 -9.60 -26.90
N ILE E 289 -4.61 -10.71 -26.20
CA ILE E 289 -5.47 -11.81 -26.63
C ILE E 289 -6.62 -12.06 -25.67
N LEU E 290 -7.86 -11.98 -26.16
CA LEU E 290 -9.02 -12.21 -25.32
C LEU E 290 -9.50 -13.65 -25.44
N SER E 291 -9.99 -14.20 -24.33
CA SER E 291 -10.49 -15.57 -24.28
C SER E 291 -12.01 -15.58 -24.24
N HIS E 292 -12.60 -16.77 -24.17
CA HIS E 292 -14.04 -16.88 -24.14
C HIS E 292 -14.61 -16.26 -22.86
N TYR E 293 -13.83 -16.25 -21.78
CA TYR E 293 -14.30 -15.65 -20.52
C TYR E 293 -13.87 -14.20 -20.40
N SER E 294 -13.09 -13.73 -21.37
CA SER E 294 -12.66 -12.35 -21.35
C SER E 294 -13.87 -11.41 -21.38
N ASN E 295 -13.66 -10.15 -20.98
CA ASN E 295 -14.76 -9.19 -20.95
C ASN E 295 -14.24 -7.76 -21.08
N ILE E 296 -14.93 -6.94 -21.89
CA ILE E 296 -14.55 -5.55 -22.07
C ILE E 296 -15.61 -4.73 -21.33
N ILE E 297 -15.18 -4.04 -20.27
CA ILE E 297 -16.06 -3.27 -19.40
C ILE E 297 -15.93 -1.76 -19.39
N THR E 298 -17.06 -1.07 -19.60
CA THR E 298 -17.09 0.39 -19.60
C THR E 298 -17.53 0.88 -18.21
N PHE E 299 -17.45 2.19 -18.00
CA PHE E 299 -17.83 2.77 -16.71
C PHE E 299 -19.01 3.71 -16.76
N ILE E 300 -19.87 3.67 -15.74
CA ILE E 300 -21.00 4.59 -15.68
C ILE E 300 -20.47 6.02 -15.79
N GLN E 301 -21.35 6.94 -16.21
CA GLN E 301 -20.98 8.32 -16.42
C GLN E 301 -20.35 9.03 -15.21
N SER E 302 -20.63 8.52 -14.00
CA SER E 302 -20.08 9.08 -12.76
C SER E 302 -18.57 8.92 -12.58
N SER E 303 -18.03 7.78 -13.06
CA SER E 303 -16.64 7.35 -12.90
C SER E 303 -15.55 8.44 -12.96
N LYS E 304 -14.83 8.54 -11.84
CA LYS E 304 -13.71 9.45 -11.73
C LYS E 304 -12.59 8.86 -12.59
N LEU E 305 -12.39 7.55 -12.46
CA LEU E 305 -11.36 6.83 -13.21
C LEU E 305 -11.54 7.01 -14.71
N ALA E 306 -12.77 6.84 -15.18
CA ALA E 306 -13.05 6.99 -16.60
C ALA E 306 -12.82 8.41 -17.11
N LYS E 307 -13.28 9.41 -16.35
CA LYS E 307 -13.12 10.81 -16.78
C LYS E 307 -11.66 11.24 -16.85
N GLU E 308 -10.90 10.89 -15.81
CA GLU E 308 -9.50 11.25 -15.75
C GLU E 308 -8.72 10.69 -16.94
N LEU E 309 -8.82 9.39 -17.16
CA LEU E 309 -8.12 8.75 -18.27
C LEU E 309 -8.50 9.29 -19.65
N ARG E 310 -9.80 9.56 -19.85
CA ARG E 310 -10.24 10.10 -21.13
C ARG E 310 -9.51 11.42 -21.41
N ALA E 311 -9.07 12.09 -20.35
CA ALA E 311 -8.35 13.36 -20.48
C ALA E 311 -6.83 13.21 -20.51
N LYS E 312 -6.32 12.27 -19.72
CA LYS E 312 -4.88 12.07 -19.67
C LYS E 312 -4.31 11.21 -20.79
N ILE E 313 -5.14 10.37 -21.40
CA ILE E 313 -4.64 9.54 -22.49
C ILE E 313 -5.03 10.06 -23.86
N GLN E 314 -4.04 10.47 -24.64
CA GLN E 314 -4.30 10.99 -25.97
C GLN E 314 -3.58 10.26 -27.10
N ASP E 315 -4.13 10.43 -28.31
CA ASP E 315 -3.62 9.85 -29.55
C ASP E 315 -2.60 10.81 -30.15
N ASP E 316 -1.41 10.31 -30.50
CA ASP E 316 -0.35 11.14 -31.09
C ASP E 316 -0.85 12.25 -32.04
#